data_2HKR
#
_entry.id   2HKR
#
_cell.length_a   70.848
_cell.length_b   88.813
_cell.length_c   80.044
_cell.angle_alpha   90.00
_cell.angle_beta   90.39
_cell.angle_gamma   90.00
#
_symmetry.space_group_name_H-M   'P 1 21 1'
#
loop_
_entity.id
_entity.type
_entity.pdbx_description
1 polymer 'Aromatic amine dehydrogenase, small subunit'
2 polymer 'Aromatic amine dehydrogenase, large subunit'
3 non-polymer 2-(4-METHOXYPHENYL)ETHANAMINE
4 non-polymer 2-(4-METHOXYPHENYL)ACETAMIDE
5 water water
#
loop_
_entity_poly.entity_id
_entity_poly.type
_entity_poly.pdbx_seq_one_letter_code
_entity_poly.pdbx_strand_id
1 'polypeptide(L)'
;HISLNPDLANEDEVNSCDYWRHCAVDGFLCSCCGGTTTTCPPGSTPSPIS(TRQ)IGTCHNPHDGKDYLISYHDCCGKTA
CGRCQCNTQTRERPGYEFFLHNDVNWCMANENSTFHCTTSVLVGLA
;
D,H
2 'polypeptide(L)'
;PREVLTGGHSVSAPQENRIYVMDSVFMHLTESRVHVYDYTNGKFLGMVPTAFNGHVQVSNDGKKIYTMTTYHERITRGKR
SDVVEVWDADKLTFEKEISLPPKRVQGLNYDGLFRQTTDGKFIVLQNASPATSIGIVDVAKGDYVEDVTAAAGCWSVIPQ
PNRPRSFMTICGDGGLLTINLGEDGKVASQSRSKQMFSVKDDPIFIAPALDKDKAHFVSYYGNVYSADFSGDEVKVDGPW
SLLNDEDKAKNWVPGGYNLVGLHRASGRMYVFMHPDGKEGTHKFPAAEIWVMDTKTKQRVARIPGRDALSMTIDQQRNLM
LTLDGGNVNVYDISQPEPKLLRTIEGAAEASLQVQFHPVGGT
;
A,B
#
# COMPACT_ATOMS: atom_id res chain seq x y z
N GLU A 13 -25.58 1.02 13.20
CA GLU A 13 -25.95 2.15 12.30
C GLU A 13 -24.87 3.23 12.25
N VAL A 14 -24.07 3.38 13.31
CA VAL A 14 -23.00 4.39 13.32
C VAL A 14 -21.85 4.04 12.38
N ASN A 15 -21.77 2.76 12.00
CA ASN A 15 -20.72 2.30 11.08
C ASN A 15 -21.10 2.41 9.61
N SER A 16 -22.28 2.97 9.34
CA SER A 16 -22.76 3.20 7.99
C SER A 16 -22.48 4.63 7.55
N CYS A 17 -22.08 4.80 6.31
CA CYS A 17 -21.85 6.13 5.76
C CYS A 17 -23.11 6.97 5.76
N ASP A 18 -24.28 6.33 5.81
CA ASP A 18 -25.56 7.07 5.78
C ASP A 18 -26.02 7.52 7.16
N TYR A 19 -25.30 7.18 8.21
CA TYR A 19 -25.63 7.69 9.54
C TYR A 19 -25.59 9.22 9.50
N TRP A 20 -26.58 9.86 10.11
CA TRP A 20 -26.80 11.27 9.86
C TRP A 20 -25.61 12.16 10.22
N ARG A 21 -24.84 11.78 11.24
CA ARG A 21 -23.73 12.61 11.72
C ARG A 21 -22.55 12.59 10.77
N HIS A 22 -22.55 11.65 9.83
CA HIS A 22 -21.40 11.47 8.91
C HIS A 22 -21.59 12.20 7.57
N CYS A 23 -22.37 13.26 7.56
CA CYS A 23 -22.81 13.83 6.31
C CYS A 23 -21.71 14.55 5.48
N ALA A 24 -20.57 14.85 6.10
CA ALA A 24 -19.43 15.41 5.35
C ALA A 24 -18.15 14.67 5.66
N VAL A 25 -18.23 13.36 5.93
CA VAL A 25 -17.01 12.55 6.10
C VAL A 25 -16.41 12.16 4.75
N ASP A 26 -15.12 12.49 4.57
CA ASP A 26 -14.29 11.93 3.52
C ASP A 26 -13.18 11.20 4.26
N GLY A 27 -13.30 9.91 4.41
CA GLY A 27 -12.28 9.13 5.11
C GLY A 27 -12.87 7.85 5.66
N PHE A 28 -12.18 7.21 6.60
CA PHE A 28 -12.61 5.97 7.23
C PHE A 28 -13.24 6.28 8.56
N LEU A 29 -14.42 5.72 8.82
CA LEU A 29 -15.08 5.98 10.10
C LEU A 29 -14.28 5.37 11.24
N CYS A 30 -13.87 6.18 12.22
CA CYS A 30 -13.09 5.66 13.32
C CYS A 30 -13.81 4.56 14.12
N SER A 31 -15.15 4.59 14.10
CA SER A 31 -15.93 3.59 14.82
C SER A 31 -15.79 2.17 14.25
N CYS A 32 -15.29 2.08 13.00
CA CYS A 32 -14.96 0.79 12.38
C CYS A 32 -13.49 0.40 12.59
N CYS A 33 -12.75 1.25 13.31
CA CYS A 33 -11.28 1.19 13.32
C CYS A 33 -10.75 0.96 14.74
N GLY A 34 -11.60 0.51 15.65
CA GLY A 34 -11.21 0.30 17.05
C GLY A 34 -11.43 1.50 17.93
N GLY A 35 -12.02 2.53 17.38
CA GLY A 35 -12.40 3.72 18.12
C GLY A 35 -13.90 3.83 18.18
N THR A 36 -14.38 5.05 18.39
CA THR A 36 -15.81 5.32 18.34
C THR A 36 -16.02 6.62 17.59
N THR A 37 -17.26 7.11 17.52
CA THR A 37 -17.54 8.35 16.84
CA THR A 37 -17.52 8.37 16.83
C THR A 37 -16.81 9.55 17.47
N THR A 38 -16.45 9.43 18.75
CA THR A 38 -15.82 10.53 19.49
C THR A 38 -14.49 10.16 20.17
N THR A 39 -13.93 9.01 19.80
CA THR A 39 -12.65 8.61 20.38
C THR A 39 -11.77 8.00 19.29
N CYS A 40 -10.48 8.32 19.36
CA CYS A 40 -9.54 7.77 18.40
C CYS A 40 -9.24 6.35 18.77
N PRO A 41 -9.04 5.50 17.77
CA PRO A 41 -8.51 4.17 18.04
C PRO A 41 -7.22 4.23 18.84
N PRO A 42 -6.92 3.21 19.64
CA PRO A 42 -5.69 3.24 20.42
C PRO A 42 -4.46 3.60 19.60
N GLY A 43 -3.64 4.51 20.10
CA GLY A 43 -2.38 4.84 19.48
C GLY A 43 -2.48 5.77 18.31
N SER A 44 -3.67 6.30 18.04
CA SER A 44 -3.84 7.38 17.06
C SER A 44 -4.25 8.66 17.76
N THR A 45 -3.80 9.77 17.21
CA THR A 45 -3.81 11.05 17.91
C THR A 45 -4.86 11.98 17.28
N PRO A 46 -5.73 12.60 18.10
CA PRO A 46 -6.71 13.53 17.54
C PRO A 46 -6.05 14.73 16.84
N SER A 47 -6.66 15.20 15.77
CA SER A 47 -6.26 16.47 15.18
C SER A 47 -6.86 17.62 15.98
N PRO A 48 -6.07 18.67 16.23
CA PRO A 48 -6.62 19.85 16.93
C PRO A 48 -7.50 20.72 16.06
N ILE A 49 -7.45 20.48 14.78
CA ILE A 49 -8.15 21.23 13.76
C ILE A 49 -9.01 20.27 12.94
N SER A 50 -9.99 20.78 12.22
CA SER A 50 -10.94 19.92 11.49
C SER A 50 -11.69 20.72 10.48
N ILE A 52 -15.72 21.20 9.28
CA ILE A 52 -17.01 21.19 9.97
C ILE A 52 -18.09 20.92 8.95
N GLY A 53 -19.09 20.14 9.36
CA GLY A 53 -20.26 19.91 8.53
C GLY A 53 -21.51 20.35 9.27
N THR A 54 -22.55 20.68 8.50
CA THR A 54 -23.87 20.91 9.06
C THR A 54 -24.75 19.78 8.57
N CYS A 55 -25.20 18.95 9.51
CA CYS A 55 -25.96 17.74 9.19
C CYS A 55 -27.36 17.78 9.79
N HIS A 56 -28.28 17.19 9.05
CA HIS A 56 -29.68 17.19 9.45
C HIS A 56 -29.97 15.97 10.31
N ASN A 57 -30.53 16.19 11.50
CA ASN A 57 -30.89 15.10 12.40
C ASN A 57 -32.30 14.63 12.02
N PRO A 58 -32.44 13.35 11.62
CA PRO A 58 -33.71 12.81 11.07
C PRO A 58 -34.74 12.54 12.17
N HIS A 59 -34.34 12.70 13.42
CA HIS A 59 -35.22 12.48 14.57
C HIS A 59 -35.92 13.73 14.99
N ASP A 60 -35.16 14.76 15.32
CA ASP A 60 -35.75 16.02 15.81
C ASP A 60 -35.90 17.09 14.73
N GLY A 61 -35.41 16.79 13.53
CA GLY A 61 -35.54 17.67 12.38
C GLY A 61 -34.68 18.92 12.44
N LYS A 62 -33.75 18.97 13.39
CA LYS A 62 -32.84 20.12 13.55
C LYS A 62 -31.49 19.85 12.88
N ASP A 63 -30.81 20.92 12.48
CA ASP A 63 -29.45 20.83 11.91
C ASP A 63 -28.41 21.05 13.00
N TYR A 64 -27.34 20.25 12.92
CA TYR A 64 -26.29 20.27 13.92
C TYR A 64 -24.93 20.45 13.26
N LEU A 65 -24.06 21.17 13.95
CA LEU A 65 -22.66 21.28 13.56
C LEU A 65 -21.92 20.07 14.04
N ILE A 66 -21.24 19.41 13.10
CA ILE A 66 -20.40 18.23 13.35
C ILE A 66 -18.96 18.60 13.00
N SER A 67 -18.04 18.36 13.94
CA SER A 67 -16.62 18.64 13.72
CA SER A 67 -16.63 18.64 13.69
C SER A 67 -15.91 17.34 13.35
N TYR A 68 -15.32 17.31 12.15
CA TYR A 68 -14.67 16.11 11.65
C TYR A 68 -13.18 16.14 11.92
N HIS A 69 -12.86 15.92 13.18
CA HIS A 69 -11.49 15.75 13.59
C HIS A 69 -11.02 14.40 13.08
N ASP A 70 -9.77 14.36 12.63
CA ASP A 70 -9.14 13.13 12.24
C ASP A 70 -8.38 12.54 13.42
N CYS A 71 -8.08 11.25 13.30
CA CYS A 71 -7.12 10.58 14.12
C CYS A 71 -5.91 10.27 13.25
N CYS A 72 -4.75 10.51 13.81
CA CYS A 72 -3.52 10.67 13.06
C CYS A 72 -2.35 9.85 13.62
N GLY A 73 -1.31 9.71 12.82
CA GLY A 73 -0.11 9.06 13.31
C GLY A 73 -0.11 7.54 13.21
N LYS A 74 -1.09 6.99 12.48
CA LYS A 74 -1.12 5.59 12.08
C LYS A 74 -1.56 5.56 10.64
N THR A 75 -1.15 4.53 9.93
CA THR A 75 -1.47 4.38 8.54
C THR A 75 -2.96 4.05 8.35
N ALA A 76 -3.42 4.14 7.11
CA ALA A 76 -4.83 4.16 6.79
C ALA A 76 -5.57 2.99 7.42
N CYS A 77 -6.67 3.27 8.12
CA CYS A 77 -7.47 2.21 8.69
C CYS A 77 -8.05 1.26 7.65
N GLY A 78 -8.58 1.83 6.57
CA GLY A 78 -9.05 1.05 5.44
C GLY A 78 -10.48 0.53 5.57
N ARG A 79 -11.14 0.76 6.68
CA ARG A 79 -12.48 0.22 6.90
C ARG A 79 -13.49 1.35 6.91
N CYS A 80 -14.70 1.08 6.39
CA CYS A 80 -15.80 2.05 6.39
C CYS A 80 -15.41 3.36 5.74
N GLN A 81 -14.90 3.27 4.52
CA GLN A 81 -14.59 4.47 3.75
C GLN A 81 -15.87 5.15 3.32
N CYS A 82 -15.94 6.44 3.57
CA CYS A 82 -17.10 7.27 3.18
C CYS A 82 -16.59 8.47 2.44
N ASN A 83 -17.45 9.04 1.60
CA ASN A 83 -17.12 10.25 0.84
C ASN A 83 -18.38 11.09 0.65
N THR A 84 -18.97 11.50 1.77
CA THR A 84 -20.23 12.25 1.77
CA THR A 84 -20.22 12.23 1.73
C THR A 84 -19.92 13.73 1.80
N GLN A 85 -20.76 14.53 1.15
CA GLN A 85 -20.41 15.89 0.81
C GLN A 85 -21.50 16.94 1.11
N THR A 86 -22.40 16.62 2.04
CA THR A 86 -23.47 17.58 2.37
C THR A 86 -22.86 18.87 2.90
N ARG A 87 -23.13 19.96 2.17
CA ARG A 87 -22.73 21.32 2.53
C ARG A 87 -21.20 21.55 2.50
N GLU A 88 -20.48 20.59 1.93
CA GLU A 88 -19.05 20.71 1.73
C GLU A 88 -18.72 21.72 0.64
N ARG A 89 -17.67 22.49 0.88
CA ARG A 89 -17.26 23.52 -0.02
C ARG A 89 -15.76 23.48 -0.30
N PRO A 90 -15.32 24.10 -1.40
CA PRO A 90 -13.92 24.02 -1.80
C PRO A 90 -12.95 24.75 -0.87
N GLY A 91 -11.66 24.66 -1.17
CA GLY A 91 -10.64 25.10 -0.22
C GLY A 91 -10.59 26.60 0.03
N TYR A 92 -11.27 27.39 -0.80
CA TYR A 92 -11.44 28.84 -0.51
C TYR A 92 -12.46 29.09 0.61
N GLU A 93 -13.16 28.05 1.07
CA GLU A 93 -13.89 28.07 2.33
C GLU A 93 -13.29 26.92 3.17
N PHE A 94 -12.09 27.15 3.66
CA PHE A 94 -11.17 26.04 3.99
C PHE A 94 -11.73 25.11 5.06
N PHE A 95 -12.37 25.65 6.09
CA PHE A 95 -12.84 24.80 7.18
C PHE A 95 -14.18 24.13 6.90
N LEU A 96 -14.70 24.31 5.67
CA LEU A 96 -15.83 23.53 5.22
C LEU A 96 -15.43 22.45 4.22
N HIS A 97 -14.11 22.27 4.01
CA HIS A 97 -13.59 21.52 2.88
C HIS A 97 -13.01 20.18 3.32
N ASN A 98 -13.36 19.09 2.63
CA ASN A 98 -12.95 17.75 3.09
C ASN A 98 -12.08 16.95 2.14
N ASP A 99 -11.48 17.64 1.15
CA ASP A 99 -10.50 17.01 0.27
C ASP A 99 -9.05 17.27 0.71
N VAL A 100 -8.88 17.73 1.94
CA VAL A 100 -7.58 17.90 2.56
C VAL A 100 -7.48 17.04 3.81
N ASN A 101 -6.25 16.71 4.16
CA ASN A 101 -5.95 15.91 5.33
C ASN A 101 -5.98 16.77 6.59
N TRP A 102 -7.01 16.63 7.41
CA TRP A 102 -7.11 17.45 8.61
C TRP A 102 -6.12 17.03 9.69
N CYS A 103 -5.30 16.00 9.42
CA CYS A 103 -4.09 15.71 10.19
C CYS A 103 -2.88 16.58 9.84
N MET A 104 -3.05 17.54 8.92
CA MET A 104 -1.92 18.27 8.33
C MET A 104 -1.02 19.00 9.31
N ALA A 105 -1.56 19.32 10.48
CA ALA A 105 -0.79 20.07 11.50
C ALA A 105 -0.36 19.21 12.69
N ASN A 106 -0.67 17.92 12.67
CA ASN A 106 -0.27 17.03 13.77
C ASN A 106 1.22 16.74 13.72
N GLU A 107 1.75 16.30 14.85
CA GLU A 107 3.15 15.91 14.96
C GLU A 107 3.47 14.85 13.92
N ASN A 108 2.55 13.91 13.72
CA ASN A 108 2.61 13.04 12.56
C ASN A 108 1.35 13.16 11.77
N SER A 109 1.49 13.53 10.50
CA SER A 109 0.36 13.83 9.66
C SER A 109 -0.26 12.62 8.95
N THR A 110 0.26 11.41 9.18
CA THR A 110 -0.32 10.26 8.51
C THR A 110 -1.79 10.10 8.93
N PHE A 111 -2.65 9.93 7.96
CA PHE A 111 -4.09 9.89 8.20
C PHE A 111 -4.57 8.47 8.54
N HIS A 112 -5.26 8.32 9.68
CA HIS A 112 -5.75 7.02 10.12
C HIS A 112 -7.25 6.83 9.89
N CYS A 113 -8.04 7.72 10.47
CA CYS A 113 -9.48 7.66 10.35
C CYS A 113 -10.09 9.01 10.74
N THR A 114 -11.40 9.14 10.48
CA THR A 114 -12.14 10.39 10.73
C THR A 114 -13.24 10.13 11.77
N THR A 115 -13.35 11.04 12.74
CA THR A 115 -14.42 11.03 13.76
C THR A 115 -15.50 12.06 13.36
N SER A 116 -16.66 11.97 14.03
CA SER A 116 -17.80 12.84 13.75
C SER A 116 -18.32 13.39 15.07
N VAL A 117 -17.74 14.50 15.51
CA VAL A 117 -17.97 15.01 16.87
C VAL A 117 -19.09 16.05 16.85
N LEU A 118 -20.14 15.79 17.60
CA LEU A 118 -21.26 16.71 17.67
CA LEU A 118 -21.28 16.71 17.66
C LEU A 118 -20.87 17.94 18.48
N VAL A 119 -20.92 19.11 17.84
CA VAL A 119 -20.62 20.38 18.50
C VAL A 119 -21.88 20.97 19.13
N GLY A 120 -22.94 21.08 18.34
CA GLY A 120 -24.21 21.61 18.85
C GLY A 120 -25.11 22.03 17.73
N LEU A 121 -26.18 22.73 18.07
CA LEU A 121 -27.14 23.14 17.05
C LEU A 121 -26.53 24.14 16.09
N ALA A 122 -26.84 24.00 14.81
CA ALA A 122 -26.39 24.90 13.77
C ALA A 122 -27.10 26.25 13.84
N HIS B 1 15.13 -19.77 -32.40
CA HIS B 1 14.76 -20.39 -31.09
C HIS B 1 13.89 -19.43 -30.27
N ILE B 2 12.65 -19.23 -30.73
CA ILE B 2 11.74 -18.27 -30.11
C ILE B 2 11.47 -18.63 -28.66
N SER B 3 11.46 -19.92 -28.35
CA SER B 3 11.17 -20.38 -26.98
C SER B 3 12.26 -19.92 -26.00
N LEU B 4 13.45 -19.63 -26.51
CA LEU B 4 14.56 -19.15 -25.68
C LEU B 4 14.73 -17.63 -25.71
N ASN B 5 13.88 -16.95 -26.49
CA ASN B 5 14.04 -15.52 -26.77
C ASN B 5 12.75 -14.74 -26.54
N PRO B 6 12.45 -14.43 -25.27
CA PRO B 6 11.18 -13.81 -24.89
C PRO B 6 10.84 -12.56 -25.71
N ASP B 7 11.86 -11.77 -26.06
CA ASP B 7 11.64 -10.53 -26.78
C ASP B 7 11.08 -10.78 -28.19
N LEU B 8 11.28 -11.99 -28.71
CA LEU B 8 10.73 -12.39 -30.02
C LEU B 8 9.37 -13.07 -29.90
N ALA B 9 8.97 -13.41 -28.67
CA ALA B 9 7.73 -14.13 -28.44
C ALA B 9 6.55 -13.16 -28.30
N ASN B 10 5.35 -13.74 -28.30
CA ASN B 10 4.13 -12.99 -27.99
C ASN B 10 4.17 -12.47 -26.55
N GLU B 11 3.93 -11.18 -26.38
CA GLU B 11 3.97 -10.55 -25.07
C GLU B 11 3.01 -11.22 -24.09
N ASP B 12 1.81 -11.55 -24.57
CA ASP B 12 0.81 -12.22 -23.71
C ASP B 12 1.35 -13.53 -23.18
N GLU B 13 2.24 -14.18 -23.94
CA GLU B 13 2.81 -15.45 -23.51
C GLU B 13 3.87 -15.24 -22.44
N VAL B 14 4.79 -14.30 -22.64
CA VAL B 14 5.86 -14.07 -21.66
C VAL B 14 5.32 -13.40 -20.39
N ASN B 15 4.18 -12.71 -20.52
CA ASN B 15 3.60 -12.00 -19.37
C ASN B 15 2.70 -12.90 -18.52
N SER B 16 2.72 -14.20 -18.82
CA SER B 16 1.88 -15.17 -18.14
C SER B 16 2.68 -15.93 -17.13
N CYS B 17 2.09 -16.22 -15.96
CA CYS B 17 2.78 -17.01 -14.94
C CYS B 17 3.10 -18.41 -15.42
N ASP B 18 2.40 -18.86 -16.46
CA ASP B 18 2.60 -20.21 -17.01
C ASP B 18 3.69 -20.27 -18.06
N TYR B 19 4.23 -19.13 -18.45
CA TYR B 19 5.41 -19.14 -19.33
C TYR B 19 6.48 -20.03 -18.71
N TRP B 20 7.07 -20.90 -19.52
CA TRP B 20 7.89 -21.98 -19.00
C TRP B 20 9.05 -21.53 -18.09
N ARG B 21 9.67 -20.38 -18.38
CA ARG B 21 10.84 -20.01 -17.60
C ARG B 21 10.49 -19.34 -16.27
N HIS B 22 9.21 -19.07 -16.05
CA HIS B 22 8.79 -18.42 -14.77
C HIS B 22 8.40 -19.45 -13.72
N CYS B 23 9.05 -20.60 -13.70
CA CYS B 23 8.52 -21.76 -12.97
C CYS B 23 8.76 -21.68 -11.46
N ALA B 24 9.61 -20.75 -11.02
CA ALA B 24 9.78 -20.49 -9.57
C ALA B 24 9.74 -19.00 -9.24
N VAL B 25 8.86 -18.27 -9.91
CA VAL B 25 8.67 -16.83 -9.63
C VAL B 25 7.66 -16.61 -8.50
N ASP B 26 8.13 -15.90 -7.47
CA ASP B 26 7.25 -15.30 -6.45
C ASP B 26 7.45 -13.79 -6.56
N GLY B 27 6.52 -13.13 -7.20
CA GLY B 27 6.59 -11.69 -7.38
C GLY B 27 5.92 -11.22 -8.65
N PHE B 28 6.15 -9.97 -8.99
CA PHE B 28 5.53 -9.33 -10.15
C PHE B 28 6.47 -9.45 -11.33
N LEU B 29 5.98 -9.96 -12.47
CA LEU B 29 6.89 -10.09 -13.63
C LEU B 29 7.34 -8.72 -14.14
N CYS B 30 8.65 -8.51 -14.22
CA CYS B 30 9.18 -7.23 -14.69
C CYS B 30 8.72 -6.88 -16.13
N SER B 31 8.43 -7.89 -16.95
CA SER B 31 7.97 -7.63 -18.31
C SER B 31 6.59 -6.99 -18.35
N CYS B 32 5.86 -7.02 -17.23
CA CYS B 32 4.58 -6.30 -17.13
C CYS B 32 4.72 -4.94 -16.48
N CYS B 33 5.95 -4.58 -16.13
CA CYS B 33 6.21 -3.43 -15.24
C CYS B 33 7.04 -2.35 -15.93
N GLY B 34 7.08 -2.39 -17.26
CA GLY B 34 7.85 -1.42 -18.03
C GLY B 34 9.26 -1.87 -18.36
N GLY B 35 9.61 -3.10 -17.99
CA GLY B 35 10.87 -3.71 -18.34
C GLY B 35 10.61 -4.86 -19.29
N THR B 36 11.56 -5.77 -19.34
CA THR B 36 11.40 -7.02 -20.10
C THR B 36 11.85 -8.16 -19.22
N THR B 37 11.83 -9.36 -19.76
CA THR B 37 12.29 -10.51 -19.02
C THR B 37 13.71 -10.37 -18.47
N THR B 38 14.57 -9.61 -19.16
CA THR B 38 15.97 -9.49 -18.80
C THR B 38 16.44 -8.04 -18.59
N THR B 39 15.48 -7.12 -18.42
CA THR B 39 15.83 -5.72 -18.13
C THR B 39 14.91 -5.15 -17.07
N CYS B 40 15.50 -4.44 -16.13
CA CYS B 40 14.71 -3.81 -15.09
C CYS B 40 13.91 -2.64 -15.66
N PRO B 41 12.68 -2.43 -15.18
CA PRO B 41 11.99 -1.19 -15.52
C PRO B 41 12.86 0.02 -15.18
N PRO B 42 12.67 1.13 -15.94
CA PRO B 42 13.48 2.32 -15.70
C PRO B 42 13.51 2.71 -14.22
N GLY B 43 14.71 2.99 -13.71
CA GLY B 43 14.90 3.48 -12.35
C GLY B 43 14.80 2.43 -11.27
N SER B 44 14.78 1.16 -11.64
CA SER B 44 14.93 0.06 -10.68
C SER B 44 16.21 -0.72 -10.97
N THR B 45 16.79 -1.30 -9.92
CA THR B 45 18.17 -1.74 -9.92
C THR B 45 18.20 -3.25 -9.81
N PRO B 46 18.97 -3.95 -10.67
CA PRO B 46 19.07 -5.41 -10.53
C PRO B 46 19.64 -5.84 -9.19
N SER B 47 19.16 -6.98 -8.67
CA SER B 47 19.79 -7.59 -7.52
C SER B 47 21.02 -8.36 -7.96
N PRO B 48 22.12 -8.25 -7.21
CA PRO B 48 23.35 -8.99 -7.54
C PRO B 48 23.27 -10.47 -7.14
N ILE B 49 22.25 -10.79 -6.33
CA ILE B 49 22.00 -12.14 -5.82
C ILE B 49 20.56 -12.55 -6.21
N SER B 50 20.28 -13.84 -6.14
CA SER B 50 18.98 -14.33 -6.55
C SER B 50 18.74 -15.72 -6.04
N ILE B 52 17.68 -19.45 -7.52
N ILE B 52 17.29 -19.41 -7.58
CA ILE B 52 17.92 -20.14 -8.80
CA ILE B 52 17.50 -20.11 -8.82
C ILE B 52 17.20 -21.48 -8.82
C ILE B 52 16.36 -21.10 -9.00
N GLY B 53 17.20 -22.13 -9.99
N GLY B 53 15.87 -21.23 -10.23
CA GLY B 53 16.62 -23.46 -10.13
CA GLY B 53 14.92 -22.27 -10.53
C GLY B 53 16.50 -23.81 -11.58
C GLY B 53 15.43 -23.13 -11.65
N THR B 54 15.85 -24.95 -11.88
N THR B 54 14.94 -24.36 -11.75
CA THR B 54 15.63 -25.37 -13.26
CA THR B 54 15.25 -25.21 -12.88
C THR B 54 14.15 -25.44 -13.64
C THR B 54 13.96 -25.44 -13.61
N CYS B 55 13.87 -25.05 -14.88
CA CYS B 55 12.56 -25.09 -15.53
C CYS B 55 12.67 -25.87 -16.84
N HIS B 56 11.61 -26.61 -17.14
CA HIS B 56 11.53 -27.38 -18.38
C HIS B 56 10.96 -26.52 -19.49
N ASN B 57 11.65 -26.54 -20.64
CA ASN B 57 11.18 -25.84 -21.84
C ASN B 57 10.45 -26.85 -22.72
N PRO B 58 9.12 -26.74 -22.78
CA PRO B 58 8.36 -27.76 -23.52
C PRO B 58 8.50 -27.59 -25.03
N HIS B 59 9.05 -26.47 -25.47
CA HIS B 59 9.20 -26.21 -26.90
C HIS B 59 10.38 -26.98 -27.47
N ASP B 60 11.52 -26.97 -26.78
CA ASP B 60 12.71 -27.72 -27.25
C ASP B 60 12.99 -28.97 -26.41
N GLY B 61 12.20 -29.19 -25.36
CA GLY B 61 12.28 -30.40 -24.55
C GLY B 61 13.47 -30.49 -23.59
N LYS B 62 14.13 -29.36 -23.37
CA LYS B 62 15.33 -29.31 -22.54
C LYS B 62 15.07 -28.57 -21.23
N ASP B 63 15.95 -28.81 -20.26
CA ASP B 63 15.87 -28.18 -18.93
C ASP B 63 16.92 -27.10 -18.81
N TYR B 64 16.53 -25.96 -18.24
CA TYR B 64 17.40 -24.80 -18.16
C TYR B 64 17.50 -24.27 -16.74
N LEU B 65 18.69 -23.80 -16.40
CA LEU B 65 18.95 -23.07 -15.17
C LEU B 65 18.45 -21.64 -15.35
N ILE B 66 17.58 -21.21 -14.43
CA ILE B 66 17.00 -19.86 -14.42
C ILE B 66 17.51 -19.16 -13.16
C ILE B 66 17.29 -19.06 -13.13
N SER B 67 17.81 -17.87 -13.28
N SER B 67 18.01 -17.94 -13.25
CA SER B 67 18.21 -17.06 -12.13
CA SER B 67 18.24 -17.07 -12.08
C SER B 67 17.16 -15.99 -11.94
N TYR B 68 16.59 -15.93 -10.74
N TYR B 68 16.46 -16.02 -10.80
CA TYR B 68 15.41 -15.13 -10.49
CA TYR B 68 15.40 -15.04 -10.52
C TYR B 68 15.76 -13.79 -9.80
C TYR B 68 15.97 -13.88 -9.74
N HIS B 69 16.54 -12.95 -10.49
CA HIS B 69 16.97 -11.68 -9.95
C HIS B 69 15.78 -10.78 -9.82
N ASP B 70 15.83 -9.93 -8.81
CA ASP B 70 14.79 -8.93 -8.62
C ASP B 70 15.28 -7.60 -9.19
N CYS B 71 14.33 -6.71 -9.41
CA CYS B 71 14.64 -5.32 -9.61
C CYS B 71 14.15 -4.57 -8.39
N CYS B 72 14.93 -3.61 -7.96
CA CYS B 72 14.85 -3.08 -6.59
C CYS B 72 14.89 -1.55 -6.53
N GLY B 73 14.48 -0.99 -5.41
CA GLY B 73 14.59 0.42 -5.18
C GLY B 73 13.43 1.25 -5.71
N LYS B 74 12.35 0.56 -6.06
CA LYS B 74 11.06 1.19 -6.32
C LYS B 74 10.02 0.33 -5.65
N THR B 75 8.90 0.95 -5.30
CA THR B 75 7.82 0.26 -4.63
C THR B 75 7.12 -0.73 -5.58
N ALA B 76 6.30 -1.59 -5.00
CA ALA B 76 5.76 -2.75 -5.70
C ALA B 76 5.14 -2.42 -7.03
N CYS B 77 5.51 -3.16 -8.07
CA CYS B 77 4.94 -2.90 -9.38
C CYS B 77 3.45 -3.21 -9.41
N GLY B 78 3.05 -4.29 -8.79
CA GLY B 78 1.63 -4.64 -8.65
C GLY B 78 1.02 -5.46 -9.78
N ARG B 79 1.74 -5.61 -10.88
CA ARG B 79 1.23 -6.23 -12.09
C ARG B 79 1.83 -7.61 -12.30
N CYS B 80 1.02 -8.52 -12.85
CA CYS B 80 1.47 -9.88 -13.17
C CYS B 80 2.13 -10.56 -11.97
N GLN B 81 1.39 -10.63 -10.88
CA GLN B 81 1.85 -11.35 -9.70
C GLN B 81 1.78 -12.85 -9.94
N CYS B 82 2.90 -13.52 -9.70
CA CYS B 82 2.99 -14.97 -9.79
C CYS B 82 3.50 -15.54 -8.50
N ASN B 83 3.19 -16.81 -8.27
CA ASN B 83 3.64 -17.52 -7.09
C ASN B 83 3.87 -19.00 -7.42
N THR B 84 4.71 -19.23 -8.44
CA THR B 84 5.00 -20.59 -8.91
CA THR B 84 4.96 -20.57 -8.92
C THR B 84 6.17 -21.15 -8.15
N GLN B 85 6.17 -22.47 -7.98
CA GLN B 85 7.00 -23.11 -6.95
C GLN B 85 7.71 -24.38 -7.39
N THR B 86 7.90 -24.55 -8.71
CA THR B 86 8.53 -25.75 -9.19
C THR B 86 9.95 -25.88 -8.67
N ARG B 87 10.23 -26.96 -7.94
CA ARG B 87 11.54 -27.25 -7.36
C ARG B 87 12.03 -26.25 -6.29
N GLU B 88 11.12 -25.39 -5.84
CA GLU B 88 11.43 -24.44 -4.81
C GLU B 88 11.53 -25.15 -3.46
N ARG B 89 12.49 -24.72 -2.64
CA ARG B 89 12.75 -25.35 -1.36
C ARG B 89 12.90 -24.32 -0.25
N PRO B 90 12.77 -24.76 1.00
CA PRO B 90 12.77 -23.80 2.10
C PRO B 90 14.11 -23.16 2.39
N GLY B 91 14.14 -22.27 3.36
CA GLY B 91 15.32 -21.46 3.56
C GLY B 91 16.58 -22.14 3.99
N TYR B 92 16.49 -23.39 4.43
CA TYR B 92 17.71 -24.19 4.71
C TYR B 92 18.36 -24.68 3.41
N GLU B 93 17.72 -24.41 2.28
CA GLU B 93 18.33 -24.51 0.94
C GLU B 93 18.17 -23.13 0.30
N PHE B 94 18.94 -22.17 0.79
CA PHE B 94 18.55 -20.77 0.71
C PHE B 94 18.44 -20.25 -0.71
N PHE B 95 19.36 -20.66 -1.58
CA PHE B 95 19.35 -20.14 -2.93
C PHE B 95 18.37 -20.83 -3.86
N LEU B 96 17.58 -21.77 -3.31
CA LEU B 96 16.45 -22.36 -4.01
C LEU B 96 15.11 -21.81 -3.51
N HIS B 97 15.17 -20.82 -2.62
CA HIS B 97 14.01 -20.40 -1.81
C HIS B 97 13.44 -19.08 -2.32
N ASN B 98 12.12 -19.00 -2.49
CA ASN B 98 11.53 -17.78 -3.05
C ASN B 98 10.55 -17.02 -2.17
N ASP B 99 10.54 -17.33 -0.85
CA ASP B 99 9.71 -16.58 0.10
C ASP B 99 10.54 -15.52 0.81
N VAL B 100 11.72 -15.19 0.27
CA VAL B 100 12.52 -14.08 0.75
C VAL B 100 12.73 -13.07 -0.35
N ASN B 101 13.03 -11.86 0.04
CA ASN B 101 13.24 -10.73 -0.86
C ASN B 101 14.67 -10.77 -1.40
N TRP B 102 14.85 -11.13 -2.67
CA TRP B 102 16.20 -11.19 -3.22
C TRP B 102 16.79 -9.81 -3.50
N CYS B 103 16.05 -8.72 -3.21
CA CYS B 103 16.61 -7.39 -3.08
C CYS B 103 17.28 -7.11 -1.73
N MET B 104 17.39 -8.13 -0.86
CA MET B 104 17.81 -7.92 0.53
C MET B 104 19.19 -7.29 0.72
N ALA B 105 20.07 -7.41 -0.26
CA ALA B 105 21.43 -6.86 -0.16
C ALA B 105 21.67 -5.66 -1.08
N ASN B 106 20.62 -5.16 -1.73
CA ASN B 106 20.72 -3.99 -2.59
C ASN B 106 20.86 -2.73 -1.76
N GLU B 107 21.34 -1.68 -2.39
CA GLU B 107 21.48 -0.39 -1.73
C GLU B 107 20.12 0.06 -1.19
N ASN B 108 19.08 -0.17 -1.99
CA ASN B 108 17.71 -0.07 -1.47
C ASN B 108 16.98 -1.36 -1.70
N SER B 109 16.49 -1.94 -0.60
CA SER B 109 15.90 -3.25 -0.63
C SER B 109 14.40 -3.29 -0.97
N THR B 110 13.79 -2.16 -1.27
CA THR B 110 12.39 -2.17 -1.61
C THR B 110 12.20 -3.02 -2.87
N PHE B 111 11.27 -3.95 -2.84
CA PHE B 111 11.04 -4.91 -3.93
C PHE B 111 10.13 -4.32 -5.00
N HIS B 112 10.57 -4.32 -6.27
CA HIS B 112 9.78 -3.77 -7.35
C HIS B 112 9.13 -4.85 -8.23
N CYS B 113 9.97 -5.73 -8.76
CA CYS B 113 9.50 -6.80 -9.63
C CYS B 113 10.57 -7.87 -9.71
N THR B 114 10.19 -9.03 -10.22
N THR B 114 10.21 -9.00 -10.32
CA THR B 114 11.12 -10.15 -10.36
CA THR B 114 11.10 -10.14 -10.48
C THR B 114 11.03 -10.74 -11.76
C THR B 114 11.41 -10.41 -11.96
N THR B 115 12.06 -11.47 -12.14
N THR B 115 12.67 -10.70 -12.27
CA THR B 115 12.07 -12.03 -13.46
CA THR B 115 13.07 -11.06 -13.64
C THR B 115 12.82 -13.34 -13.51
C THR B 115 13.40 -12.54 -13.68
N SER B 116 13.07 -13.81 -14.73
N SER B 116 13.47 -13.09 -14.89
CA SER B 116 13.65 -15.13 -14.93
CA SER B 116 13.66 -14.53 -15.08
C SER B 116 14.72 -15.06 -16.02
C SER B 116 14.78 -14.71 -16.08
N VAL B 117 15.98 -14.96 -15.60
CA VAL B 117 17.15 -14.84 -16.48
C VAL B 117 17.66 -16.22 -16.82
N LEU B 118 17.75 -16.52 -18.11
CA LEU B 118 18.29 -17.80 -18.55
C LEU B 118 19.82 -17.86 -18.39
N VAL B 119 20.29 -18.78 -17.56
CA VAL B 119 21.73 -18.95 -17.32
C VAL B 119 22.30 -19.93 -18.35
N GLY B 120 21.67 -21.09 -18.49
CA GLY B 120 22.12 -22.09 -19.45
C GLY B 120 21.43 -23.42 -19.24
N LEU B 121 21.90 -24.45 -19.94
CA LEU B 121 21.35 -25.79 -19.78
C LEU B 121 21.60 -26.30 -18.36
N ALA B 122 20.61 -26.98 -17.80
CA ALA B 122 20.71 -27.55 -16.46
C ALA B 122 21.74 -28.68 -16.43
N GLU C 3 -19.47 17.39 22.75
CA GLU C 3 -18.55 16.22 22.74
C GLU C 3 -17.12 16.69 22.48
N VAL C 4 -16.15 15.91 22.95
CA VAL C 4 -14.74 16.20 22.70
C VAL C 4 -14.04 14.91 22.29
N LEU C 5 -13.31 14.98 21.18
CA LEU C 5 -12.52 13.86 20.71
C LEU C 5 -11.34 13.68 21.64
N THR C 6 -11.16 12.46 22.14
CA THR C 6 -10.02 12.15 22.97
C THR C 6 -9.23 10.99 22.40
N GLY C 7 -7.93 11.01 22.69
CA GLY C 7 -7.00 9.89 22.47
C GLY C 7 -6.58 9.27 23.78
N GLY C 8 -5.52 8.47 23.73
CA GLY C 8 -4.99 7.83 24.92
C GLY C 8 -5.71 6.56 25.38
N HIS C 9 -6.65 6.03 24.58
CA HIS C 9 -7.47 4.91 25.00
C HIS C 9 -6.81 3.58 24.79
N SER C 10 -7.25 2.61 25.58
CA SER C 10 -6.76 1.24 25.48
C SER C 10 -7.72 0.41 24.62
N VAL C 11 -7.22 -0.70 24.13
CA VAL C 11 -8.02 -1.65 23.37
C VAL C 11 -9.24 -2.03 24.19
N SER C 12 -10.38 -2.12 23.51
CA SER C 12 -11.68 -2.19 24.18
C SER C 12 -12.08 -3.57 24.66
N ALA C 13 -11.37 -4.60 24.23
CA ALA C 13 -11.66 -5.98 24.60
C ALA C 13 -10.50 -6.53 25.40
N PRO C 14 -10.78 -7.53 26.25
CA PRO C 14 -9.69 -8.09 27.05
C PRO C 14 -8.64 -8.79 26.23
N GLN C 15 -7.43 -8.84 26.76
CA GLN C 15 -6.29 -9.44 26.06
C GLN C 15 -6.66 -10.83 25.59
N GLU C 16 -7.35 -11.61 26.41
CA GLU C 16 -7.69 -12.98 26.06
C GLU C 16 -8.55 -13.12 24.83
N ASN C 17 -9.20 -12.06 24.38
CA ASN C 17 -10.02 -12.12 23.15
C ASN C 17 -9.22 -11.77 21.89
N ARG C 18 -7.97 -11.33 22.03
CA ARG C 18 -7.29 -10.67 20.92
C ARG C 18 -6.47 -11.62 20.08
N ILE C 19 -6.52 -11.38 18.78
CA ILE C 19 -5.64 -12.02 17.81
C ILE C 19 -4.99 -10.96 16.93
N TYR C 20 -3.88 -11.36 16.29
CA TYR C 20 -2.99 -10.47 15.56
C TYR C 20 -2.79 -11.01 14.17
N VAL C 21 -3.31 -10.29 13.19
CA VAL C 21 -3.26 -10.73 11.78
C VAL C 21 -2.20 -9.86 11.13
N MET C 22 -1.07 -10.46 10.78
CA MET C 22 0.03 -9.75 10.18
C MET C 22 -0.22 -9.54 8.69
N ASP C 23 -0.60 -8.32 8.30
CA ASP C 23 -0.95 -8.05 6.92
C ASP C 23 0.28 -7.52 6.20
N SER C 24 0.85 -8.34 5.33
N SER C 24 0.85 -8.34 5.33
CA SER C 24 2.01 -7.93 4.55
CA SER C 24 2.01 -7.93 4.56
C SER C 24 1.65 -6.82 3.57
N VAL C 25 0.38 -6.77 3.14
CA VAL C 25 -0.02 -5.82 2.11
C VAL C 25 1.01 -5.86 0.98
N PHE C 26 1.21 -7.05 0.43
CA PHE C 26 2.26 -7.23 -0.57
C PHE C 26 2.14 -6.28 -1.77
N MET C 27 0.92 -5.92 -2.17
CA MET C 27 0.77 -4.97 -3.27
C MET C 27 1.34 -3.60 -2.93
N HIS C 28 1.41 -3.30 -1.63
CA HIS C 28 1.99 -2.06 -1.12
C HIS C 28 2.79 -2.36 0.12
N LEU C 29 3.85 -3.13 -0.08
CA LEU C 29 4.57 -3.79 1.00
C LEU C 29 5.29 -2.83 1.94
N THR C 30 5.47 -1.56 1.54
CA THR C 30 5.99 -0.56 2.48
C THR C 30 4.98 -0.11 3.53
N GLU C 31 3.72 -0.54 3.42
CA GLU C 31 2.67 -0.19 4.40
C GLU C 31 2.03 -1.43 4.99
N SER C 32 2.86 -2.42 5.30
CA SER C 32 2.44 -3.58 6.06
C SER C 32 1.98 -3.14 7.44
N ARG C 33 1.14 -3.94 8.06
CA ARG C 33 0.68 -3.62 9.40
C ARG C 33 0.13 -4.85 10.07
N VAL C 34 -0.02 -4.75 11.40
CA VAL C 34 -0.69 -5.78 12.21
C VAL C 34 -2.12 -5.31 12.47
N HIS C 35 -3.11 -6.13 12.13
CA HIS C 35 -4.48 -5.84 12.49
C HIS C 35 -4.85 -6.64 13.72
N VAL C 36 -5.44 -5.98 14.70
CA VAL C 36 -5.85 -6.61 15.97
C VAL C 36 -7.36 -6.81 15.96
N TYR C 37 -7.77 -8.05 16.15
CA TYR C 37 -9.17 -8.44 16.13
C TYR C 37 -9.56 -9.14 17.42
N ASP C 38 -10.87 -9.09 17.72
CA ASP C 38 -11.50 -9.90 18.75
C ASP C 38 -12.04 -11.16 18.08
N TYR C 39 -11.45 -12.32 18.40
CA TYR C 39 -11.86 -13.56 17.74
C TYR C 39 -13.26 -14.00 18.13
N THR C 40 -13.77 -13.46 19.24
CA THR C 40 -15.08 -13.92 19.73
C THR C 40 -16.24 -13.33 18.94
N ASN C 41 -16.02 -12.21 18.28
CA ASN C 41 -17.10 -11.50 17.57
C ASN C 41 -16.67 -10.83 16.27
N GLY C 42 -15.39 -10.98 15.92
CA GLY C 42 -14.89 -10.43 14.67
C GLY C 42 -14.62 -8.93 14.65
N LYS C 43 -14.68 -8.28 15.79
CA LYS C 43 -14.55 -6.83 15.84
C LYS C 43 -13.09 -6.43 15.64
N PHE C 44 -12.88 -5.41 14.82
CA PHE C 44 -11.56 -4.78 14.63
C PHE C 44 -11.25 -3.90 15.85
N LEU C 45 -10.11 -4.13 16.50
CA LEU C 45 -9.76 -3.47 17.76
C LEU C 45 -8.70 -2.40 17.59
N GLY C 46 -7.90 -2.49 16.53
CA GLY C 46 -6.82 -1.55 16.36
C GLY C 46 -5.75 -2.13 15.47
N MET C 47 -4.65 -1.40 15.32
CA MET C 47 -3.59 -1.85 14.42
C MET C 47 -2.24 -1.24 14.80
N VAL C 48 -1.17 -1.85 14.31
CA VAL C 48 0.18 -1.34 14.49
C VAL C 48 0.86 -1.26 13.14
N PRO C 49 1.31 -0.05 12.74
CA PRO C 49 2.00 0.09 11.44
C PRO C 49 3.37 -0.53 11.49
N THR C 50 3.76 -1.25 10.44
CA THR C 50 5.04 -1.95 10.42
C THR C 50 5.85 -1.77 9.11
N ALA C 51 5.64 -0.64 8.43
CA ALA C 51 6.53 -0.22 7.35
C ALA C 51 6.78 -1.35 6.35
N PHE C 52 8.03 -1.54 5.92
CA PHE C 52 8.29 -2.51 4.87
C PHE C 52 8.38 -3.94 5.42
N ASN C 53 7.48 -4.82 5.01
CA ASN C 53 7.55 -6.23 5.36
C ASN C 53 7.76 -6.41 6.84
N GLY C 54 6.83 -5.91 7.62
CA GLY C 54 6.92 -6.10 9.06
C GLY C 54 6.73 -7.55 9.47
N HIS C 55 7.35 -7.91 10.61
CA HIS C 55 7.08 -9.14 11.35
C HIS C 55 6.62 -8.76 12.74
N VAL C 56 5.92 -9.66 13.40
CA VAL C 56 5.28 -9.35 14.68
C VAL C 56 5.24 -10.56 15.59
N GLN C 57 5.31 -10.30 16.89
CA GLN C 57 4.97 -11.30 17.90
C GLN C 57 4.54 -10.55 19.13
N VAL C 58 3.83 -11.22 20.02
CA VAL C 58 3.45 -10.62 21.28
C VAL C 58 4.35 -11.17 22.37
N SER C 59 4.76 -10.34 23.34
CA SER C 59 5.59 -10.82 24.41
C SER C 59 4.90 -11.96 25.15
N ASN C 60 5.70 -12.93 25.62
CA ASN C 60 5.13 -14.08 26.29
C ASN C 60 4.32 -13.70 27.53
N ASP C 61 4.68 -12.60 28.20
CA ASP C 61 3.89 -12.12 29.34
C ASP C 61 2.64 -11.30 28.94
N GLY C 62 2.41 -11.15 27.65
CA GLY C 62 1.22 -10.46 27.19
C GLY C 62 1.21 -8.94 27.26
N LYS C 63 2.27 -8.32 27.76
CA LYS C 63 2.26 -6.89 28.02
C LYS C 63 2.65 -6.03 26.82
N LYS C 64 3.44 -6.57 25.89
CA LYS C 64 4.04 -5.78 24.82
C LYS C 64 3.87 -6.49 23.47
N ILE C 65 3.88 -5.70 22.41
CA ILE C 65 3.94 -6.22 21.05
C ILE C 65 5.31 -5.87 20.51
N TYR C 66 5.98 -6.84 19.90
CA TYR C 66 7.25 -6.61 19.26
C TYR C 66 7.06 -6.64 17.75
N THR C 67 7.63 -5.66 17.06
CA THR C 67 7.68 -5.69 15.62
C THR C 67 9.10 -5.64 15.14
N MET C 68 9.30 -6.10 13.92
CA MET C 68 10.58 -6.06 13.26
C MET C 68 10.35 -5.53 11.86
N THR C 69 11.14 -4.53 11.45
CA THR C 69 10.90 -3.91 10.16
C THR C 69 12.14 -3.20 9.67
N THR C 70 12.03 -2.66 8.45
CA THR C 70 13.10 -1.92 7.80
C THR C 70 12.56 -0.58 7.37
N TYR C 71 13.30 0.48 7.71
CA TYR C 71 13.05 1.84 7.22
C TYR C 71 14.22 2.25 6.33
N HIS C 72 13.98 3.23 5.45
CA HIS C 72 15.04 4.02 4.84
C HIS C 72 14.70 5.48 4.97
N GLU C 73 15.72 6.33 4.95
CA GLU C 73 15.51 7.78 5.14
C GLU C 73 14.48 8.35 4.18
N ARG C 74 14.48 7.87 2.94
CA ARG C 74 13.51 8.29 1.95
C ARG C 74 12.83 7.10 1.28
N ILE C 75 12.62 6.04 2.08
CA ILE C 75 11.86 4.83 1.72
C ILE C 75 12.53 3.99 0.64
N THR C 76 12.63 4.54 -0.57
CA THR C 76 13.23 3.87 -1.71
C THR C 76 14.67 4.35 -1.98
N ARG C 77 15.17 5.24 -1.14
CA ARG C 77 16.58 5.66 -1.16
C ARG C 77 16.96 6.11 0.24
N GLY C 78 18.24 6.33 0.46
CA GLY C 78 18.75 6.78 1.75
C GLY C 78 19.14 5.62 2.65
N LYS C 79 19.64 5.97 3.84
CA LYS C 79 20.20 4.98 4.74
C LYS C 79 19.13 4.05 5.29
N ARG C 80 19.52 2.78 5.35
CA ARG C 80 18.68 1.71 5.90
C ARG C 80 18.79 1.66 7.43
N SER C 81 17.65 1.42 8.08
CA SER C 81 17.59 1.10 9.49
C SER C 81 16.69 -0.12 9.69
N ASP C 82 17.29 -1.24 10.07
CA ASP C 82 16.54 -2.41 10.50
C ASP C 82 16.37 -2.31 12.01
N VAL C 83 15.16 -2.58 12.49
CA VAL C 83 14.85 -2.39 13.90
C VAL C 83 13.93 -3.45 14.42
N VAL C 84 13.97 -3.62 15.74
CA VAL C 84 12.86 -4.16 16.52
C VAL C 84 12.22 -2.98 17.23
N GLU C 85 10.89 -2.93 17.25
CA GLU C 85 10.16 -1.98 18.05
C GLU C 85 9.36 -2.67 19.12
N VAL C 86 9.36 -2.06 20.30
CA VAL C 86 8.52 -2.47 21.41
C VAL C 86 7.34 -1.51 21.50
N TRP C 87 6.12 -2.08 21.50
CA TRP C 87 4.87 -1.34 21.57
C TRP C 87 4.09 -1.80 22.80
N ASP C 88 3.34 -0.91 23.42
CA ASP C 88 2.46 -1.34 24.48
C ASP C 88 1.28 -2.12 23.91
N ALA C 89 0.97 -3.27 24.48
CA ALA C 89 -0.09 -4.12 23.94
C ALA C 89 -1.47 -3.54 24.12
N ASP C 90 -1.69 -2.81 25.20
CA ASP C 90 -3.02 -2.29 25.46
C ASP C 90 -3.29 -0.91 24.86
N LYS C 91 -2.27 -0.04 24.85
CA LYS C 91 -2.41 1.28 24.25
CA LYS C 91 -2.41 1.28 24.25
C LYS C 91 -2.07 1.30 22.76
N LEU C 92 -1.44 0.23 22.27
CA LEU C 92 -1.00 0.13 20.86
C LEU C 92 -0.19 1.38 20.46
N THR C 93 0.76 1.73 21.36
CA THR C 93 1.66 2.86 21.17
C THR C 93 3.11 2.40 21.13
N PHE C 94 3.91 3.14 20.37
CA PHE C 94 5.32 2.88 20.25
C PHE C 94 6.04 3.28 21.53
N GLU C 95 6.95 2.44 22.00
CA GLU C 95 7.73 2.74 23.20
C GLU C 95 9.21 2.83 22.95
N LYS C 96 9.81 1.87 22.24
CA LYS C 96 11.22 2.00 21.94
C LYS C 96 11.65 1.25 20.71
N GLU C 97 12.74 1.74 20.13
CA GLU C 97 13.39 1.17 18.97
C GLU C 97 14.69 0.53 19.38
N ILE C 98 14.93 -0.68 18.91
CA ILE C 98 16.16 -1.40 19.14
C ILE C 98 16.87 -1.56 17.79
N SER C 99 18.08 -1.02 17.66
CA SER C 99 18.81 -1.09 16.41
C SER C 99 19.33 -2.47 16.11
N LEU C 100 19.14 -2.91 14.87
CA LEU C 100 19.66 -4.17 14.38
C LEU C 100 20.71 -3.91 13.30
N PRO C 101 21.65 -4.86 13.09
CA PRO C 101 22.46 -4.75 11.89
C PRO C 101 21.57 -4.88 10.65
N PRO C 102 21.95 -4.26 9.54
CA PRO C 102 21.08 -4.17 8.35
C PRO C 102 21.00 -5.44 7.54
N LYS C 103 20.57 -6.52 8.17
CA LYS C 103 20.47 -7.83 7.58
C LYS C 103 19.28 -8.65 8.14
N ARG C 104 18.31 -8.00 8.78
CA ARG C 104 17.18 -8.79 9.27
C ARG C 104 16.48 -9.42 8.09
N VAL C 105 15.92 -10.61 8.27
CA VAL C 105 15.25 -11.31 7.16
C VAL C 105 14.10 -10.50 6.62
N GLN C 106 14.08 -10.31 5.31
CA GLN C 106 12.97 -9.77 4.59
C GLN C 106 12.33 -10.91 3.83
N GLY C 107 11.12 -11.25 4.21
CA GLY C 107 10.47 -12.42 3.67
C GLY C 107 9.09 -12.64 4.27
N LEU C 108 8.38 -13.62 3.75
CA LEU C 108 7.04 -13.95 4.20
C LEU C 108 7.04 -14.35 5.67
N ASN C 109 5.89 -14.18 6.31
CA ASN C 109 5.75 -14.23 7.77
C ASN C 109 5.58 -15.63 8.35
N TYR C 110 6.60 -16.47 8.19
CA TYR C 110 6.68 -17.68 8.94
C TYR C 110 6.98 -17.34 10.40
N ASP C 111 6.35 -18.07 11.32
CA ASP C 111 6.55 -17.82 12.74
C ASP C 111 8.03 -17.81 13.10
N GLY C 112 8.76 -18.76 12.55
CA GLY C 112 10.13 -19.04 12.98
C GLY C 112 11.17 -17.98 12.59
N LEU C 113 10.76 -16.93 11.89
CA LEU C 113 11.70 -15.86 11.57
C LEU C 113 11.83 -14.78 12.66
N PHE C 114 10.92 -14.79 13.63
CA PHE C 114 10.89 -13.73 14.65
C PHE C 114 10.22 -14.33 15.87
N ARG C 115 11.04 -14.77 16.83
CA ARG C 115 10.57 -15.54 17.98
C ARG C 115 11.16 -14.94 19.28
N GLN C 116 10.96 -15.63 20.38
CA GLN C 116 11.54 -15.20 21.66
C GLN C 116 11.82 -16.41 22.50
N THR C 117 12.72 -16.26 23.47
CA THR C 117 12.97 -17.34 24.42
C THR C 117 11.72 -17.60 25.26
N THR C 118 11.60 -18.81 25.78
CA THR C 118 10.48 -19.13 26.65
C THR C 118 10.32 -18.16 27.81
N ASP C 119 11.42 -17.73 28.42
CA ASP C 119 11.34 -16.80 29.54
C ASP C 119 11.03 -15.37 29.13
N GLY C 120 10.96 -15.11 27.84
CA GLY C 120 10.57 -13.82 27.32
C GLY C 120 11.65 -12.76 27.39
N LYS C 121 12.85 -13.12 27.85
CA LYS C 121 13.87 -12.10 28.06
C LYS C 121 14.67 -11.74 26.81
N PHE C 122 14.67 -12.63 25.82
CA PHE C 122 15.39 -12.40 24.57
C PHE C 122 14.50 -12.63 23.37
N ILE C 123 14.60 -11.71 22.43
CA ILE C 123 14.03 -11.86 21.09
C ILE C 123 15.09 -12.53 20.21
N VAL C 124 14.64 -13.49 19.41
CA VAL C 124 15.54 -14.33 18.61
C VAL C 124 15.03 -14.26 17.19
N LEU C 125 15.85 -13.72 16.29
CA LEU C 125 15.38 -13.36 14.94
C LEU C 125 16.33 -13.88 13.87
N GLN C 126 15.80 -14.13 12.69
CA GLN C 126 16.60 -14.62 11.57
C GLN C 126 17.18 -13.48 10.75
N ASN C 127 18.48 -13.56 10.49
CA ASN C 127 19.17 -12.66 9.57
C ASN C 127 19.48 -13.37 8.25
N ALA C 128 19.59 -12.56 7.21
CA ALA C 128 20.09 -13.03 5.90
C ALA C 128 20.74 -11.87 5.18
N SER C 129 22.01 -12.02 4.85
CA SER C 129 22.77 -10.93 4.23
C SER C 129 23.31 -11.07 2.77
N PRO C 130 23.09 -12.22 2.09
CA PRO C 130 22.27 -13.38 2.31
C PRO C 130 22.81 -14.47 3.23
N ALA C 131 24.04 -14.35 3.69
CA ALA C 131 24.56 -15.32 4.65
C ALA C 131 23.65 -15.29 5.86
N THR C 132 23.36 -16.46 6.42
CA THR C 132 22.41 -16.51 7.52
C THR C 132 23.08 -16.60 8.89
N SER C 133 22.43 -15.97 9.85
CA SER C 133 22.81 -16.04 11.24
C SER C 133 21.57 -15.72 12.05
N ILE C 134 21.63 -15.99 13.35
CA ILE C 134 20.49 -15.71 14.23
C ILE C 134 20.88 -14.55 15.16
N GLY C 135 20.05 -13.51 15.22
CA GLY C 135 20.33 -12.37 16.04
C GLY C 135 19.58 -12.44 17.36
N ILE C 136 20.21 -11.97 18.44
CA ILE C 136 19.64 -11.99 19.78
C ILE C 136 19.53 -10.56 20.28
N VAL C 137 18.30 -10.21 20.68
CA VAL C 137 17.98 -8.92 21.28
C VAL C 137 17.60 -9.11 22.74
N ASP C 138 18.30 -8.37 23.60
CA ASP C 138 18.00 -8.29 25.01
C ASP C 138 16.89 -7.26 25.18
N VAL C 139 15.69 -7.73 25.56
CA VAL C 139 14.53 -6.84 25.62
C VAL C 139 14.71 -5.77 26.71
N ALA C 140 15.15 -6.19 27.89
CA ALA C 140 15.32 -5.26 29.02
C ALA C 140 16.35 -4.18 28.69
N LYS C 141 17.49 -4.56 28.10
CA LYS C 141 18.53 -3.60 27.77
C LYS C 141 18.22 -2.79 26.51
N GLY C 142 17.32 -3.33 25.67
CA GLY C 142 16.99 -2.68 24.40
C GLY C 142 18.15 -2.72 23.41
N ASP C 143 18.89 -3.83 23.40
CA ASP C 143 20.14 -3.93 22.64
C ASP C 143 20.22 -5.24 21.88
N TYR C 144 20.86 -5.19 20.71
CA TYR C 144 21.26 -6.39 19.97
C TYR C 144 22.56 -6.88 20.60
N VAL C 145 22.54 -8.08 21.16
CA VAL C 145 23.64 -8.52 22.03
C VAL C 145 24.44 -9.72 21.53
N GLU C 146 23.94 -10.44 20.53
CA GLU C 146 24.61 -11.64 20.08
C GLU C 146 24.23 -11.94 18.63
N ASP C 147 25.17 -12.47 17.88
CA ASP C 147 24.96 -12.82 16.49
C ASP C 147 25.50 -14.22 16.35
N VAL C 148 24.61 -15.17 16.17
CA VAL C 148 24.94 -16.59 16.24
C VAL C 148 25.37 -17.05 14.85
N THR C 149 26.65 -16.87 14.55
CA THR C 149 27.19 -17.31 13.28
C THR C 149 27.31 -18.82 13.17
N ALA C 150 27.23 -19.52 14.29
CA ALA C 150 27.16 -20.99 14.27
C ALA C 150 25.99 -21.50 13.46
N ALA C 151 24.96 -20.66 13.28
CA ALA C 151 23.76 -21.05 12.53
C ALA C 151 23.84 -20.76 11.04
N ALA C 152 25.03 -20.41 10.53
CA ALA C 152 25.17 -20.22 9.11
C ALA C 152 24.71 -21.46 8.35
N GLY C 153 23.95 -21.28 7.29
CA GLY C 153 23.43 -22.38 6.49
C GLY C 153 22.20 -23.03 7.10
N CYS C 154 21.72 -22.49 8.22
CA CYS C 154 20.49 -22.95 8.84
C CYS C 154 19.42 -21.90 8.65
N TRP C 155 18.22 -22.23 9.10
CA TRP C 155 17.06 -21.36 8.88
C TRP C 155 15.96 -21.59 9.88
N SER C 156 15.54 -20.49 10.49
CA SER C 156 14.36 -20.38 11.37
C SER C 156 14.64 -20.80 12.80
N VAL C 157 13.77 -20.35 13.71
CA VAL C 157 13.98 -20.46 15.14
C VAL C 157 12.79 -21.20 15.74
N ILE C 158 13.07 -22.34 16.38
CA ILE C 158 12.04 -23.11 17.10
C ILE C 158 12.39 -23.06 18.59
N PRO C 159 11.68 -22.25 19.38
CA PRO C 159 11.98 -22.21 20.81
C PRO C 159 11.69 -23.54 21.48
N GLN C 160 12.45 -23.88 22.51
CA GLN C 160 12.15 -25.05 23.35
C GLN C 160 11.32 -24.62 24.55
N PRO C 161 10.01 -25.00 24.59
CA PRO C 161 9.18 -24.53 25.69
C PRO C 161 9.49 -25.06 27.07
N ASN C 162 10.41 -26.02 27.18
CA ASN C 162 10.81 -26.62 28.46
C ASN C 162 12.11 -26.06 29.02
N ARG C 163 12.69 -25.06 28.34
CA ARG C 163 13.91 -24.41 28.81
C ARG C 163 13.76 -22.91 28.66
N PRO C 164 14.42 -22.14 29.54
CA PRO C 164 14.17 -20.71 29.56
C PRO C 164 14.71 -19.92 28.36
N ARG C 165 15.84 -20.34 27.82
CA ARG C 165 16.56 -19.56 26.79
C ARG C 165 17.20 -20.45 25.75
N SER C 166 16.48 -21.46 25.30
CA SER C 166 16.99 -22.42 24.33
C SER C 166 16.09 -22.45 23.10
N PHE C 167 16.70 -22.65 21.95
CA PHE C 167 15.98 -22.78 20.69
C PHE C 167 16.77 -23.60 19.72
N MET C 168 16.11 -24.04 18.67
CA MET C 168 16.71 -24.87 17.64
C MET C 168 16.52 -24.23 16.30
N THR C 169 17.36 -24.62 15.35
CA THR C 169 17.24 -24.19 13.99
C THR C 169 17.51 -25.36 13.05
N ILE C 170 16.93 -25.31 11.85
CA ILE C 170 17.02 -26.37 10.87
C ILE C 170 18.16 -26.07 9.91
N CYS C 171 19.09 -27.02 9.78
CA CYS C 171 20.31 -26.77 9.04
C CYS C 171 20.35 -27.54 7.72
N GLY C 172 21.28 -27.12 6.88
CA GLY C 172 21.42 -27.66 5.53
C GLY C 172 21.86 -29.12 5.48
N ASP C 173 22.31 -29.66 6.61
CA ASP C 173 22.65 -31.09 6.72
C ASP C 173 21.43 -31.95 7.04
N GLY C 174 20.27 -31.34 7.18
CA GLY C 174 19.05 -32.09 7.56
C GLY C 174 18.94 -32.38 9.05
N GLY C 175 19.79 -31.77 9.85
CA GLY C 175 19.73 -31.87 11.28
C GLY C 175 19.38 -30.54 11.92
N LEU C 176 19.38 -30.55 13.23
CA LEU C 176 19.01 -29.40 14.04
C LEU C 176 20.17 -28.92 14.86
N LEU C 177 20.37 -27.61 14.89
CA LEU C 177 21.30 -26.98 15.81
C LEU C 177 20.54 -26.37 16.97
N THR C 178 20.95 -26.70 18.18
CA THR C 178 20.37 -26.19 19.41
C THR C 178 21.32 -25.19 20.01
N ILE C 179 20.78 -24.03 20.36
CA ILE C 179 21.48 -22.95 21.00
C ILE C 179 20.87 -22.70 22.35
N ASN C 180 21.70 -22.68 23.38
CA ASN C 180 21.31 -22.36 24.72
C ASN C 180 21.96 -21.05 25.10
N LEU C 181 21.17 -20.02 25.34
CA LEU C 181 21.69 -18.70 25.68
C LEU C 181 21.91 -18.57 27.16
N GLY C 182 22.95 -17.84 27.53
CA GLY C 182 23.14 -17.47 28.93
C GLY C 182 22.23 -16.33 29.33
N GLU C 183 22.27 -15.97 30.60
CA GLU C 183 21.41 -14.91 31.10
C GLU C 183 21.79 -13.54 30.57
N ASP C 184 22.94 -13.45 29.91
CA ASP C 184 23.38 -12.25 29.19
C ASP C 184 22.99 -12.26 27.70
N GLY C 185 22.32 -13.31 27.24
CA GLY C 185 21.93 -13.45 25.83
C GLY C 185 23.00 -13.90 24.87
N LYS C 186 24.21 -14.14 25.38
CA LYS C 186 25.30 -14.68 24.57
C LYS C 186 25.18 -16.20 24.57
N VAL C 187 25.66 -16.85 23.52
CA VAL C 187 25.60 -18.31 23.45
C VAL C 187 26.33 -18.93 24.65
N ALA C 188 25.62 -19.72 25.44
CA ALA C 188 26.22 -20.42 26.58
C ALA C 188 26.66 -21.82 26.22
N SER C 189 25.97 -22.48 25.30
CA SER C 189 26.35 -23.77 24.77
C SER C 189 25.54 -24.07 23.53
N GLN C 190 25.92 -25.12 22.83
CA GLN C 190 25.23 -25.53 21.63
C GLN C 190 25.42 -26.99 21.41
N SER C 191 24.57 -27.56 20.58
CA SER C 191 24.70 -28.96 20.15
C SER C 191 24.06 -29.18 18.81
N ARG C 192 24.48 -30.24 18.12
CA ARG C 192 23.97 -30.57 16.80
C ARG C 192 23.41 -31.97 16.84
N SER C 193 22.20 -32.16 16.32
CA SER C 193 21.58 -33.48 16.27
C SER C 193 22.17 -34.28 15.15
N LYS C 194 21.86 -35.58 15.16
CA LYS C 194 22.07 -36.40 13.99
C LYS C 194 21.13 -35.97 12.87
N GLN C 195 21.36 -36.43 11.67
CA GLN C 195 20.50 -36.05 10.59
C GLN C 195 19.09 -36.55 10.83
N MET C 196 18.12 -35.64 10.72
CA MET C 196 16.71 -35.99 10.91
C MET C 196 16.02 -36.36 9.60
N PHE C 197 16.25 -35.56 8.54
CA PHE C 197 15.61 -35.80 7.25
C PHE C 197 16.60 -35.63 6.12
N SER C 198 16.28 -36.25 4.99
CA SER C 198 17.05 -36.04 3.77
C SER C 198 16.63 -34.74 3.10
N VAL C 199 17.54 -33.78 3.01
CA VAL C 199 17.26 -32.50 2.39
C VAL C 199 16.83 -32.72 0.96
N LYS C 200 17.53 -33.59 0.24
CA LYS C 200 17.23 -33.78 -1.18
C LYS C 200 16.00 -34.61 -1.41
N ASP C 201 15.80 -35.66 -0.62
CA ASP C 201 14.77 -36.66 -0.95
C ASP C 201 13.44 -36.44 -0.23
N ASP C 202 13.47 -35.75 0.93
CA ASP C 202 12.23 -35.60 1.71
C ASP C 202 12.30 -34.30 2.52
N PRO C 203 12.39 -33.16 1.83
CA PRO C 203 12.51 -31.90 2.53
C PRO C 203 11.29 -31.66 3.42
N ILE C 204 11.55 -31.10 4.61
CA ILE C 204 10.45 -30.75 5.51
C ILE C 204 10.06 -29.29 5.35
N PHE C 205 8.80 -29.02 5.63
CA PHE C 205 8.34 -27.67 5.89
C PHE C 205 8.97 -27.19 7.20
N ILE C 206 9.33 -25.91 7.27
CA ILE C 206 9.96 -25.40 8.45
C ILE C 206 9.05 -25.25 9.66
N ALA C 207 7.75 -25.11 9.45
CA ALA C 207 6.80 -24.86 10.54
C ALA C 207 6.70 -26.02 11.50
N PRO C 208 7.03 -25.82 12.80
CA PRO C 208 6.91 -26.92 13.76
C PRO C 208 5.50 -27.10 14.30
N ALA C 209 5.16 -28.34 14.60
CA ALA C 209 4.03 -28.66 15.47
C ALA C 209 4.65 -28.88 16.84
N LEU C 210 4.61 -27.83 17.65
CA LEU C 210 5.51 -27.73 18.79
C LEU C 210 4.85 -28.15 20.09
N ASP C 211 5.43 -29.14 20.75
CA ASP C 211 4.99 -29.57 22.07
C ASP C 211 5.93 -28.95 23.13
N LYS C 212 5.69 -29.27 24.40
CA LYS C 212 6.51 -28.71 25.46
C LYS C 212 7.95 -29.22 25.38
N ASP C 213 8.13 -30.47 24.96
CA ASP C 213 9.44 -31.13 24.99
C ASP C 213 9.81 -31.84 23.69
N LYS C 214 9.04 -31.61 22.65
CA LYS C 214 9.32 -32.18 21.35
C LYS C 214 8.63 -31.37 20.27
N ALA C 215 9.09 -31.56 19.04
CA ALA C 215 8.52 -30.86 17.87
C ALA C 215 8.38 -31.83 16.72
N HIS C 216 7.31 -31.69 15.96
CA HIS C 216 7.10 -32.51 14.76
C HIS C 216 7.11 -31.62 13.55
N PHE C 217 7.53 -32.19 12.43
CA PHE C 217 7.63 -31.50 11.15
C PHE C 217 7.03 -32.40 10.10
N VAL C 218 6.32 -31.81 9.14
CA VAL C 218 5.82 -32.55 8.00
C VAL C 218 6.66 -32.26 6.77
N SER C 219 6.66 -33.21 5.83
CA SER C 219 7.49 -33.09 4.63
C SER C 219 6.67 -32.86 3.38
N TYR C 220 7.37 -32.48 2.32
CA TYR C 220 6.76 -32.22 1.04
C TYR C 220 5.95 -33.41 0.53
N TYR C 221 6.34 -34.62 0.96
CA TYR C 221 5.69 -35.87 0.49
C TYR C 221 4.80 -36.47 1.55
N GLY C 222 4.55 -35.75 2.64
CA GLY C 222 3.54 -36.19 3.61
C GLY C 222 4.07 -37.09 4.71
N ASN C 223 5.37 -37.01 4.96
CA ASN C 223 5.97 -37.73 6.08
C ASN C 223 6.11 -36.84 7.28
N VAL C 224 6.29 -37.45 8.45
CA VAL C 224 6.43 -36.74 9.71
C VAL C 224 7.75 -37.07 10.36
N TYR C 225 8.48 -36.06 10.80
CA TYR C 225 9.73 -36.20 11.51
C TYR C 225 9.60 -35.57 12.89
N SER C 226 10.31 -36.09 13.88
CA SER C 226 10.19 -35.58 15.22
CA SER C 226 10.19 -35.57 15.22
C SER C 226 11.54 -35.32 15.87
N ALA C 227 11.56 -34.32 16.75
CA ALA C 227 12.74 -33.95 17.49
C ALA C 227 12.33 -33.88 18.94
N ASP C 228 12.92 -34.75 19.75
CA ASP C 228 12.65 -34.81 21.16
C ASP C 228 13.76 -34.09 21.91
N PHE C 229 13.40 -33.03 22.63
CA PHE C 229 14.37 -32.23 23.39
C PHE C 229 14.06 -32.27 24.88
N SER C 230 13.57 -33.42 25.32
CA SER C 230 13.42 -33.66 26.75
C SER C 230 14.79 -33.66 27.46
N GLY C 231 15.83 -34.09 26.75
CA GLY C 231 17.22 -33.98 27.24
C GLY C 231 17.99 -32.83 26.60
N ASP C 232 19.25 -32.67 27.02
CA ASP C 232 20.12 -31.63 26.46
C ASP C 232 20.45 -31.89 25.02
N GLU C 233 20.61 -33.17 24.67
CA GLU C 233 20.83 -33.56 23.29
C GLU C 233 19.49 -33.91 22.67
N VAL C 234 19.26 -33.35 21.50
CA VAL C 234 18.04 -33.58 20.77
C VAL C 234 18.11 -34.93 20.07
N LYS C 235 17.07 -35.73 20.24
CA LYS C 235 16.97 -37.04 19.58
C LYS C 235 15.95 -36.94 18.46
N VAL C 236 16.34 -37.38 17.27
CA VAL C 236 15.51 -37.21 16.09
C VAL C 236 15.04 -38.55 15.54
N ASP C 237 13.86 -38.55 14.93
CA ASP C 237 13.33 -39.78 14.33
C ASP C 237 12.36 -39.46 13.21
N GLY C 238 11.90 -40.51 12.54
CA GLY C 238 11.05 -40.38 11.39
C GLY C 238 11.76 -40.90 10.17
N PRO C 239 11.04 -41.07 9.06
CA PRO C 239 9.65 -40.70 8.85
C PRO C 239 8.58 -41.71 9.30
N TRP C 240 7.41 -41.20 9.69
CA TRP C 240 6.15 -41.94 9.56
C TRP C 240 5.24 -41.19 8.60
N SER C 241 4.40 -41.89 7.85
CA SER C 241 3.57 -41.26 6.84
C SER C 241 2.26 -40.78 7.41
N LEU C 242 1.87 -39.57 7.02
CA LEU C 242 0.50 -39.08 7.22
C LEU C 242 -0.54 -39.86 6.44
N LEU C 243 -0.09 -40.63 5.44
CA LEU C 243 -0.96 -41.17 4.40
C LEU C 243 -1.21 -42.64 4.58
N ASN C 244 -2.46 -43.07 4.35
CA ASN C 244 -2.76 -44.50 4.18
C ASN C 244 -2.80 -44.80 2.68
N ASP C 245 -3.10 -46.04 2.29
CA ASP C 245 -3.04 -46.40 0.87
C ASP C 245 -4.04 -45.64 0.01
N GLU C 246 -5.25 -45.43 0.54
CA GLU C 246 -6.25 -44.65 -0.18
C GLU C 246 -5.77 -43.22 -0.41
N ASP C 247 -5.19 -42.64 0.62
CA ASP C 247 -4.68 -41.28 0.52
C ASP C 247 -3.63 -41.19 -0.58
N LYS C 248 -2.77 -42.19 -0.63
CA LYS C 248 -1.68 -42.23 -1.60
C LYS C 248 -2.20 -42.32 -3.03
N ALA C 249 -3.30 -43.04 -3.24
CA ALA C 249 -3.89 -43.17 -4.56
C ALA C 249 -4.33 -41.84 -5.17
N LYS C 250 -4.74 -40.90 -4.31
CA LYS C 250 -5.15 -39.57 -4.75
C LYS C 250 -4.04 -38.51 -4.52
N ASN C 251 -2.84 -38.95 -4.17
CA ASN C 251 -1.64 -38.10 -4.11
C ASN C 251 -1.78 -36.94 -3.11
N TRP C 252 -2.39 -37.23 -1.98
CA TRP C 252 -2.53 -36.22 -0.93
C TRP C 252 -1.16 -35.87 -0.36
N VAL C 253 -0.91 -34.57 -0.20
CA VAL C 253 0.31 -34.09 0.40
C VAL C 253 -0.01 -32.82 1.18
N PRO C 254 0.89 -32.40 2.07
CA PRO C 254 0.71 -31.13 2.76
C PRO C 254 0.94 -29.92 1.88
N GLY C 255 0.32 -28.81 2.21
CA GLY C 255 0.69 -27.57 1.58
C GLY C 255 0.26 -26.39 2.41
N GLY C 256 1.04 -25.33 2.33
CA GLY C 256 0.71 -24.07 2.99
C GLY C 256 1.99 -23.41 3.47
N TYR C 257 1.85 -22.53 4.46
CA TYR C 257 2.95 -21.75 4.98
C TYR C 257 3.16 -22.10 6.45
N ASN C 258 2.42 -21.45 7.34
CA ASN C 258 2.38 -21.85 8.75
C ASN C 258 1.35 -22.96 8.86
N LEU C 259 1.71 -24.14 8.36
CA LEU C 259 0.71 -25.12 7.91
C LEU C 259 0.35 -26.21 8.90
N VAL C 260 0.99 -26.23 10.07
CA VAL C 260 0.73 -27.23 11.10
C VAL C 260 0.52 -26.61 12.48
N GLY C 261 -0.01 -27.42 13.38
CA GLY C 261 -0.24 -27.00 14.74
C GLY C 261 -0.34 -28.24 15.59
N LEU C 262 -0.12 -28.07 16.89
CA LEU C 262 -0.24 -29.17 17.83
C LEU C 262 -1.12 -28.75 18.99
N HIS C 263 -2.06 -29.59 19.35
CA HIS C 263 -2.84 -29.44 20.58
C HIS C 263 -2.15 -30.29 21.63
N ARG C 264 -1.47 -29.63 22.58
CA ARG C 264 -0.55 -30.33 23.45
C ARG C 264 -1.22 -31.30 24.42
N ALA C 265 -2.42 -30.96 24.88
CA ALA C 265 -3.08 -31.82 25.88
C ALA C 265 -3.41 -33.20 25.28
N SER C 266 -3.72 -33.25 23.99
CA SER C 266 -4.21 -34.48 23.35
C SER C 266 -3.16 -35.12 22.48
N GLY C 267 -2.17 -34.35 22.08
CA GLY C 267 -1.21 -34.81 21.06
C GLY C 267 -1.72 -34.75 19.62
N ARG C 268 -2.86 -34.11 19.39
CA ARG C 268 -3.39 -34.00 18.03
C ARG C 268 -2.58 -33.00 17.25
N MET C 269 -2.19 -33.38 16.05
CA MET C 269 -1.50 -32.50 15.12
C MET C 269 -2.41 -32.18 13.96
N TYR C 270 -2.46 -30.91 13.58
CA TYR C 270 -3.34 -30.39 12.54
C TYR C 270 -2.44 -30.03 11.36
N VAL C 271 -2.87 -30.44 10.16
CA VAL C 271 -2.05 -30.28 8.93
CA VAL C 271 -2.07 -30.18 8.96
C VAL C 271 -2.95 -29.92 7.76
N PHE C 272 -2.59 -28.88 7.00
CA PHE C 272 -3.29 -28.58 5.74
C PHE C 272 -2.82 -29.51 4.64
N MET C 273 -3.80 -30.11 3.94
CA MET C 273 -3.52 -31.12 2.93
C MET C 273 -4.30 -30.81 1.65
N HIS C 274 -3.79 -31.27 0.51
CA HIS C 274 -4.53 -31.17 -0.74
C HIS C 274 -4.21 -32.40 -1.58
N PRO C 275 -5.16 -32.79 -2.44
CA PRO C 275 -4.96 -33.91 -3.34
C PRO C 275 -4.14 -33.53 -4.54
N ASP C 276 -3.81 -34.52 -5.36
CA ASP C 276 -3.12 -34.30 -6.64
C ASP C 276 -1.80 -33.55 -6.44
N GLY C 277 -1.08 -33.95 -5.38
CA GLY C 277 0.21 -33.39 -5.11
C GLY C 277 1.20 -33.78 -6.18
N LYS C 278 2.10 -32.85 -6.48
CA LYS C 278 3.22 -33.09 -7.34
C LYS C 278 4.20 -31.97 -7.11
N GLU C 279 5.34 -32.01 -7.77
CA GLU C 279 6.34 -30.99 -7.62
C GLU C 279 5.75 -29.62 -7.92
N GLY C 280 5.91 -28.69 -6.97
CA GLY C 280 5.42 -27.35 -7.12
C GLY C 280 4.11 -27.03 -6.40
N THR C 281 3.54 -28.00 -5.68
CA THR C 281 2.25 -27.77 -4.99
C THR C 281 2.37 -27.58 -3.48
N HIS C 282 3.57 -27.39 -2.97
CA HIS C 282 3.78 -27.34 -1.52
C HIS C 282 3.22 -26.09 -0.83
N LYS C 283 2.84 -25.08 -1.60
CA LYS C 283 2.21 -23.90 -1.00
C LYS C 283 0.74 -23.74 -1.41
N PHE C 284 0.16 -24.81 -1.93
CA PHE C 284 -1.25 -24.79 -2.32
C PHE C 284 -2.18 -24.66 -1.13
N PRO C 285 -3.29 -23.95 -1.30
CA PRO C 285 -4.28 -23.86 -0.25
C PRO C 285 -4.84 -25.21 0.19
N ALA C 286 -5.29 -25.29 1.43
CA ALA C 286 -5.82 -26.55 1.97
C ALA C 286 -7.14 -26.92 1.32
N ALA C 287 -7.22 -28.15 0.77
CA ALA C 287 -8.51 -28.76 0.50
C ALA C 287 -9.15 -29.30 1.80
N GLU C 288 -8.30 -29.76 2.71
CA GLU C 288 -8.75 -30.32 3.98
C GLU C 288 -7.76 -29.97 5.08
N ILE C 289 -8.26 -29.99 6.31
CA ILE C 289 -7.41 -30.08 7.48
C ILE C 289 -7.48 -31.52 7.98
N TRP C 290 -6.34 -32.15 8.15
CA TRP C 290 -6.30 -33.47 8.74
C TRP C 290 -5.86 -33.36 10.19
N VAL C 291 -6.47 -34.19 11.04
CA VAL C 291 -6.22 -34.22 12.45
C VAL C 291 -5.58 -35.56 12.76
N MET C 292 -4.32 -35.53 13.18
CA MET C 292 -3.52 -36.73 13.40
C MET C 292 -3.27 -36.97 14.86
N ASP C 293 -3.37 -38.23 15.30
CA ASP C 293 -2.95 -38.61 16.63
C ASP C 293 -1.47 -38.95 16.55
N THR C 294 -0.63 -38.10 17.16
CA THR C 294 0.80 -38.25 17.06
C THR C 294 1.34 -39.42 17.88
N LYS C 295 0.52 -39.97 18.77
CA LYS C 295 0.93 -41.14 19.55
C LYS C 295 0.71 -42.42 18.74
N THR C 296 -0.48 -42.57 18.15
CA THR C 296 -0.79 -43.75 17.35
C THR C 296 -0.29 -43.62 15.91
N LYS C 297 0.05 -42.39 15.50
CA LYS C 297 0.57 -42.12 14.15
C LYS C 297 -0.48 -42.44 13.06
N GLN C 298 -1.72 -42.08 13.37
CA GLN C 298 -2.86 -42.32 12.50
C GLN C 298 -3.74 -41.10 12.47
N ARG C 299 -4.43 -40.89 11.35
CA ARG C 299 -5.42 -39.82 11.25
C ARG C 299 -6.66 -40.19 12.05
N VAL C 300 -7.26 -39.20 12.69
CA VAL C 300 -8.51 -39.40 13.42
C VAL C 300 -9.68 -38.65 12.80
N ALA C 301 -9.41 -37.54 12.12
CA ALA C 301 -10.46 -36.77 11.47
C ALA C 301 -9.94 -35.98 10.30
N ARG C 302 -10.86 -35.58 9.42
CA ARG C 302 -10.56 -34.69 8.29
C ARG C 302 -11.77 -33.79 8.06
N ILE C 303 -11.51 -32.50 7.84
CA ILE C 303 -12.57 -31.55 7.59
C ILE C 303 -12.21 -30.62 6.43
N PRO C 304 -13.20 -29.92 5.86
CA PRO C 304 -12.89 -29.01 4.77
C PRO C 304 -11.87 -27.96 5.15
N GLY C 305 -10.98 -27.63 4.21
CA GLY C 305 -9.88 -26.72 4.52
C GLY C 305 -10.15 -25.25 4.31
N ARG C 306 -11.23 -24.91 3.60
CA ARG C 306 -11.61 -23.52 3.35
C ARG C 306 -10.46 -22.73 2.71
N ASP C 307 -9.66 -23.41 1.89
CA ASP C 307 -8.55 -22.77 1.17
C ASP C 307 -7.53 -22.10 2.09
N ALA C 308 -7.44 -22.61 3.32
CA ALA C 308 -6.50 -22.01 4.26
C ALA C 308 -5.04 -22.29 3.92
N LEU C 309 -4.17 -21.37 4.33
CA LEU C 309 -2.73 -21.48 4.09
C LEU C 309 -1.91 -21.52 5.37
N SER C 310 -2.39 -20.84 6.41
CA SER C 310 -1.70 -20.72 7.68
C SER C 310 -2.67 -20.93 8.84
N MET C 311 -2.14 -21.37 9.99
CA MET C 311 -2.93 -21.60 11.18
C MET C 311 -2.15 -21.19 12.42
N THR C 312 -2.84 -21.19 13.55
CA THR C 312 -2.22 -21.13 14.85
C THR C 312 -3.18 -21.74 15.89
N ILE C 313 -2.62 -22.17 17.01
CA ILE C 313 -3.37 -22.87 18.05
C ILE C 313 -3.29 -22.10 19.37
N ASP C 314 -4.42 -22.02 20.07
CA ASP C 314 -4.44 -21.62 21.47
C ASP C 314 -4.69 -22.84 22.35
N GLN C 315 -3.73 -23.15 23.19
CA GLN C 315 -3.81 -24.35 24.01
C GLN C 315 -4.94 -24.27 25.04
N GLN C 316 -4.98 -23.17 25.78
CA GLN C 316 -5.83 -23.16 26.98
C GLN C 316 -7.29 -22.98 26.72
N ARG C 317 -7.65 -22.40 25.57
CA ARG C 317 -9.05 -22.30 25.18
C ARG C 317 -9.42 -23.35 24.12
N ASN C 318 -8.43 -24.16 23.72
CA ASN C 318 -8.66 -25.22 22.76
C ASN C 318 -9.22 -24.67 21.46
N LEU C 319 -8.47 -23.76 20.84
CA LEU C 319 -8.87 -23.08 19.60
C LEU C 319 -7.82 -23.25 18.53
N MET C 320 -8.28 -23.26 17.29
CA MET C 320 -7.40 -23.17 16.12
C MET C 320 -7.92 -22.06 15.24
N LEU C 321 -7.04 -21.17 14.77
CA LEU C 321 -7.39 -20.24 13.73
C LEU C 321 -6.79 -20.71 12.44
N THR C 322 -7.50 -20.52 11.35
CA THR C 322 -6.92 -20.70 10.02
C THR C 322 -7.13 -19.44 9.20
N LEU C 323 -6.32 -19.30 8.17
CA LEU C 323 -6.18 -18.05 7.45
C LEU C 323 -5.89 -18.35 6.00
N ASP C 324 -6.69 -17.78 5.10
CA ASP C 324 -6.59 -18.05 3.65
C ASP C 324 -5.88 -16.92 2.88
N GLY C 325 -5.30 -15.96 3.60
CA GLY C 325 -4.71 -14.76 3.02
C GLY C 325 -5.48 -13.51 3.37
N GLY C 326 -6.81 -13.65 3.50
CA GLY C 326 -7.69 -12.51 3.76
C GLY C 326 -8.69 -12.71 4.89
N ASN C 327 -9.10 -13.96 5.10
CA ASN C 327 -10.16 -14.30 6.06
C ASN C 327 -9.65 -15.24 7.11
N VAL C 328 -10.10 -15.04 8.36
CA VAL C 328 -9.71 -15.85 9.49
C VAL C 328 -10.86 -16.71 9.97
N ASN C 329 -10.66 -18.01 10.00
CA ASN C 329 -11.65 -18.95 10.51
C ASN C 329 -11.30 -19.34 11.93
N VAL C 330 -12.31 -19.39 12.80
CA VAL C 330 -12.11 -19.72 14.20
C VAL C 330 -12.74 -21.06 14.46
N TYR C 331 -11.94 -22.01 14.96
CA TYR C 331 -12.39 -23.36 15.28
C TYR C 331 -12.20 -23.70 16.76
N ASP C 332 -13.21 -24.41 17.29
CA ASP C 332 -13.12 -25.08 18.58
C ASP C 332 -12.51 -26.47 18.36
N ILE C 333 -11.36 -26.72 18.96
CA ILE C 333 -10.69 -28.02 18.88
C ILE C 333 -10.62 -28.74 20.22
N SER C 334 -11.64 -28.51 21.07
CA SER C 334 -11.75 -29.21 22.35
C SER C 334 -12.05 -30.68 22.18
N GLN C 335 -12.57 -31.05 21.01
CA GLN C 335 -12.85 -32.44 20.68
CA GLN C 335 -12.79 -32.46 20.71
C GLN C 335 -12.09 -32.77 19.39
N PRO C 336 -11.90 -34.07 19.08
CA PRO C 336 -11.09 -34.41 17.91
C PRO C 336 -11.54 -33.82 16.58
N GLU C 337 -12.85 -33.68 16.34
CA GLU C 337 -13.31 -33.00 15.14
C GLU C 337 -13.41 -31.50 15.42
N PRO C 338 -12.66 -30.67 14.67
CA PRO C 338 -12.79 -29.23 14.88
C PRO C 338 -14.17 -28.75 14.51
N LYS C 339 -14.68 -27.75 15.23
CA LYS C 339 -15.98 -27.14 14.94
C LYS C 339 -15.75 -25.69 14.56
N LEU C 340 -16.24 -25.30 13.38
CA LEU C 340 -16.13 -23.93 12.91
C LEU C 340 -17.08 -23.05 13.64
N LEU C 341 -16.57 -22.00 14.28
CA LEU C 341 -17.41 -21.09 15.08
C LEU C 341 -17.81 -19.85 14.28
N ARG C 342 -16.87 -19.33 13.49
CA ARG C 342 -17.11 -18.13 12.69
C ARG C 342 -15.96 -17.85 11.75
N THR C 343 -16.21 -16.98 10.79
CA THR C 343 -15.21 -16.51 9.85
C THR C 343 -15.18 -14.99 9.93
N ILE C 344 -13.98 -14.44 10.09
CA ILE C 344 -13.78 -13.00 10.11
C ILE C 344 -13.35 -12.64 8.70
N GLU C 345 -14.25 -12.03 7.92
CA GLU C 345 -13.96 -11.73 6.54
C GLU C 345 -13.20 -10.42 6.44
N GLY C 346 -12.22 -10.39 5.54
CA GLY C 346 -11.50 -9.16 5.26
C GLY C 346 -10.61 -8.70 6.40
N ALA C 347 -10.04 -9.67 7.12
CA ALA C 347 -9.13 -9.38 8.23
C ALA C 347 -7.80 -8.84 7.72
N ALA C 348 -7.47 -9.11 6.46
CA ALA C 348 -6.23 -8.66 5.86
C ALA C 348 -6.38 -8.68 4.35
N GLU C 349 -5.49 -7.98 3.65
CA GLU C 349 -5.37 -8.12 2.21
C GLU C 349 -4.42 -9.22 1.78
N ALA C 350 -3.34 -9.41 2.53
CA ALA C 350 -2.32 -10.38 2.18
C ALA C 350 -1.58 -10.82 3.44
N SER C 351 -2.22 -11.67 4.22
CA SER C 351 -1.65 -12.19 5.43
C SER C 351 -1.43 -13.68 5.37
N LEU C 352 -0.24 -14.12 5.80
CA LEU C 352 0.08 -15.55 5.94
C LEU C 352 0.38 -15.90 7.41
N GLN C 353 -0.01 -15.03 8.35
CA GLN C 353 0.25 -15.28 9.76
C GLN C 353 -0.77 -14.64 10.67
N VAL C 354 -1.37 -15.46 11.53
CA VAL C 354 -2.22 -14.99 12.61
C VAL C 354 -1.73 -15.62 13.92
N GLN C 355 -1.83 -14.86 15.01
CA GLN C 355 -1.36 -15.28 16.34
C GLN C 355 -2.35 -14.85 17.42
N PHE C 356 -2.52 -15.67 18.44
CA PHE C 356 -3.32 -15.28 19.59
C PHE C 356 -2.50 -14.41 20.55
N HIS C 357 -3.17 -13.51 21.27
CA HIS C 357 -2.54 -12.92 22.45
C HIS C 357 -2.23 -14.00 23.44
N PRO C 358 -1.00 -14.06 23.96
CA PRO C 358 -0.68 -15.05 24.97
C PRO C 358 -1.46 -14.84 26.24
N VAL C 359 -1.93 -15.93 26.86
CA VAL C 359 -2.59 -15.84 28.16
C VAL C 359 -1.86 -16.68 29.22
N GLY C 360 -0.89 -17.48 28.81
CA GLY C 360 -0.24 -18.46 29.69
C GLY C 360 0.85 -17.93 30.61
N GLY C 361 1.22 -16.66 30.46
CA GLY C 361 2.29 -16.03 31.27
C GLY C 361 3.65 -16.66 31.06
N THR C 362 4.63 -16.17 31.82
CA THR C 362 5.99 -16.77 31.83
C THR C 362 6.32 -17.27 33.22
N GLU D 3 22.19 -14.86 -20.64
CA GLU D 3 21.46 -13.58 -20.47
C GLU D 3 21.96 -12.88 -19.24
N VAL D 4 21.84 -11.55 -19.22
CA VAL D 4 22.25 -10.77 -18.06
C VAL D 4 21.21 -9.66 -17.81
N LEU D 5 20.71 -9.60 -16.57
CA LEU D 5 19.79 -8.55 -16.19
C LEU D 5 20.52 -7.24 -16.05
N THR D 6 20.01 -6.21 -16.73
CA THR D 6 20.59 -4.89 -16.68
C THR D 6 19.54 -3.84 -16.30
N GLY D 7 20.01 -2.78 -15.66
CA GLY D 7 19.22 -1.57 -15.45
C GLY D 7 19.77 -0.42 -16.26
N GLY D 8 19.38 0.80 -15.88
CA GLY D 8 19.86 2.00 -16.55
C GLY D 8 19.10 2.34 -17.80
N HIS D 9 17.96 1.69 -18.04
CA HIS D 9 17.23 1.85 -19.28
C HIS D 9 16.26 3.00 -19.25
N SER D 10 15.98 3.54 -20.42
CA SER D 10 14.99 4.57 -20.58
C SER D 10 13.63 4.00 -20.86
N VAL D 11 12.61 4.82 -20.64
CA VAL D 11 11.23 4.48 -20.99
C VAL D 11 11.16 4.07 -22.47
N SER D 12 10.41 2.99 -22.76
CA SER D 12 10.48 2.33 -24.07
C SER D 12 9.74 3.10 -25.18
N ALA D 13 8.71 3.84 -24.82
CA ALA D 13 7.88 4.61 -25.76
C ALA D 13 8.29 6.06 -25.74
N PRO D 14 8.15 6.76 -26.87
CA PRO D 14 8.60 8.15 -26.87
C PRO D 14 7.71 9.06 -26.02
N GLN D 15 8.23 10.23 -25.67
CA GLN D 15 7.53 11.12 -24.73
C GLN D 15 6.14 11.43 -25.17
N GLU D 16 5.96 11.64 -26.48
CA GLU D 16 4.67 12.02 -27.01
C GLU D 16 3.57 10.97 -26.86
N ASN D 17 3.96 9.77 -26.45
CA ASN D 17 2.98 8.70 -26.19
C ASN D 17 2.58 8.61 -24.71
N ARG D 18 3.24 9.40 -23.85
CA ARG D 18 3.16 9.14 -22.41
C ARG D 18 2.12 9.97 -21.69
N ILE D 19 1.52 9.34 -20.68
CA ILE D 19 0.63 9.98 -19.74
C ILE D 19 1.03 9.54 -18.32
N TYR D 20 0.64 10.35 -17.35
CA TYR D 20 0.98 10.18 -15.93
C TYR D 20 -0.29 10.11 -15.13
N VAL D 21 -0.52 8.94 -14.52
CA VAL D 21 -1.69 8.69 -13.70
C VAL D 21 -1.24 8.74 -12.26
N MET D 22 -1.72 9.73 -11.53
CA MET D 22 -1.28 9.95 -10.15
C MET D 22 -2.10 9.07 -9.24
N ASP D 23 -1.53 7.95 -8.79
CA ASP D 23 -2.29 7.01 -7.97
C ASP D 23 -2.07 7.37 -6.51
N SER D 24 -3.10 7.91 -5.86
CA SER D 24 -3.01 8.23 -4.44
CA SER D 24 -3.00 8.23 -4.44
C SER D 24 -2.91 6.98 -3.59
C SER D 24 -2.87 6.97 -3.60
N VAL D 25 -3.39 5.85 -4.08
CA VAL D 25 -3.45 4.64 -3.28
C VAL D 25 -4.00 4.97 -1.88
N PHE D 26 -5.18 5.56 -1.83
CA PHE D 26 -5.72 6.05 -0.57
C PHE D 26 -5.76 4.97 0.50
N MET D 27 -6.06 3.73 0.14
CA MET D 27 -6.08 2.66 1.12
C MET D 27 -4.73 2.42 1.79
N HIS D 28 -3.64 2.82 1.08
CA HIS D 28 -2.27 2.74 1.56
C HIS D 28 -1.51 3.99 1.16
N LEU D 29 -1.98 5.12 1.67
CA LEU D 29 -1.62 6.44 1.17
C LEU D 29 -0.15 6.77 1.31
N THR D 30 0.57 6.05 2.19
CA THR D 30 2.01 6.22 2.29
C THR D 30 2.80 5.62 1.13
N GLU D 31 2.12 4.89 0.23
CA GLU D 31 2.79 4.31 -0.95
C GLU D 31 2.10 4.75 -2.25
N SER D 32 1.73 6.01 -2.28
CA SER D 32 1.24 6.63 -3.50
C SER D 32 2.33 6.60 -4.55
N ARG D 33 1.94 6.69 -5.81
CA ARG D 33 2.92 6.65 -6.89
C ARG D 33 2.31 7.19 -8.17
N VAL D 34 3.22 7.55 -9.08
CA VAL D 34 2.83 7.94 -10.44
C VAL D 34 2.99 6.74 -11.35
N HIS D 35 1.91 6.36 -12.06
CA HIS D 35 2.01 5.31 -13.06
C HIS D 35 2.13 5.94 -14.46
N VAL D 36 3.16 5.53 -15.20
CA VAL D 36 3.41 6.07 -16.55
C VAL D 36 2.86 5.08 -17.56
N TYR D 37 1.98 5.57 -18.44
CA TYR D 37 1.34 4.73 -19.47
C TYR D 37 1.55 5.30 -20.85
N ASP D 38 1.45 4.41 -21.85
CA ASP D 38 1.40 4.80 -23.26
C ASP D 38 -0.08 4.90 -23.60
N TYR D 39 -0.59 6.10 -23.90
CA TYR D 39 -2.02 6.25 -24.15
C TYR D 39 -2.45 5.65 -25.48
N THR D 40 -1.48 5.40 -26.36
CA THR D 40 -1.79 4.91 -27.72
C THR D 40 -2.12 3.42 -27.72
N ASN D 41 -1.65 2.68 -26.72
CA ASN D 41 -1.88 1.23 -26.66
C ASN D 41 -2.16 0.67 -25.27
N GLY D 42 -2.19 1.54 -24.25
CA GLY D 42 -2.50 1.11 -22.89
C GLY D 42 -1.35 0.44 -22.15
N LYS D 43 -0.14 0.45 -22.70
CA LYS D 43 1.00 -0.23 -22.09
C LYS D 43 1.52 0.54 -20.87
N PHE D 44 1.82 -0.21 -19.80
CA PHE D 44 2.46 0.33 -18.61
C PHE D 44 3.93 0.50 -18.88
N LEU D 45 4.44 1.69 -18.63
CA LEU D 45 5.81 2.03 -19.02
C LEU D 45 6.76 2.17 -17.84
N GLY D 46 6.23 2.41 -16.66
CA GLY D 46 7.07 2.64 -15.51
C GLY D 46 6.31 3.39 -14.45
N MET D 47 7.04 3.77 -13.40
CA MET D 47 6.40 4.44 -12.27
C MET D 47 7.40 5.24 -11.44
N VAL D 48 6.88 6.19 -10.68
CA VAL D 48 7.69 6.98 -9.77
C VAL D 48 7.06 6.91 -8.39
N PRO D 49 7.82 6.42 -7.38
CA PRO D 49 7.27 6.36 -6.02
C PRO D 49 7.16 7.72 -5.41
N THR D 50 6.04 7.98 -4.71
CA THR D 50 5.80 9.32 -4.15
C THR D 50 5.32 9.31 -2.70
N ALA D 51 5.67 8.27 -1.95
CA ALA D 51 5.49 8.29 -0.50
C ALA D 51 4.05 8.70 -0.11
N PHE D 52 3.90 9.57 0.90
CA PHE D 52 2.60 9.90 1.42
C PHE D 52 1.93 10.97 0.56
N ASN D 53 0.82 10.62 -0.08
CA ASN D 53 0.01 11.62 -0.81
C ASN D 53 0.86 12.46 -1.75
N GLY D 54 1.52 11.80 -2.69
CA GLY D 54 2.29 12.51 -3.70
C GLY D 54 1.44 13.34 -4.62
N HIS D 55 2.02 14.46 -5.09
CA HIS D 55 1.51 15.23 -6.21
C HIS D 55 2.57 15.21 -7.31
N VAL D 56 2.15 15.45 -8.55
CA VAL D 56 3.04 15.35 -9.67
C VAL D 56 2.71 16.37 -10.77
N GLN D 57 3.76 16.80 -11.46
CA GLN D 57 3.62 17.54 -12.73
C GLN D 57 4.84 17.27 -13.55
N VAL D 58 4.76 17.57 -14.84
CA VAL D 58 5.89 17.43 -15.71
C VAL D 58 6.40 18.84 -16.03
N SER D 59 7.71 18.97 -16.09
CA SER D 59 8.30 20.27 -16.43
C SER D 59 7.77 20.71 -17.80
N ASN D 60 7.58 22.01 -17.96
CA ASN D 60 7.04 22.53 -19.21
C ASN D 60 7.90 22.14 -20.40
N ASP D 61 9.21 22.04 -20.19
CA ASP D 61 10.14 21.63 -21.27
C ASP D 61 10.18 20.11 -21.55
N GLY D 62 9.41 19.36 -20.78
CA GLY D 62 9.27 17.90 -21.00
C GLY D 62 10.45 17.04 -20.58
N LYS D 63 11.45 17.60 -19.93
CA LYS D 63 12.65 16.85 -19.58
C LYS D 63 12.57 16.16 -18.21
N LYS D 64 11.80 16.76 -17.29
CA LYS D 64 11.80 16.32 -15.88
C LYS D 64 10.39 16.11 -15.37
N ILE D 65 10.29 15.23 -14.36
CA ILE D 65 9.04 15.03 -13.61
C ILE D 65 9.28 15.65 -12.22
N TYR D 66 8.35 16.48 -11.78
CA TYR D 66 8.40 17.07 -10.46
C TYR D 66 7.38 16.34 -9.61
N THR D 67 7.82 15.87 -8.44
CA THR D 67 6.88 15.38 -7.46
C THR D 67 6.94 16.22 -6.19
N MET D 68 5.87 16.14 -5.40
CA MET D 68 5.80 16.78 -4.11
C MET D 68 5.26 15.75 -3.13
N THR D 69 5.94 15.59 -1.99
CA THR D 69 5.55 14.59 -1.03
C THR D 69 6.01 14.93 0.38
N THR D 70 5.62 14.08 1.32
CA THR D 70 6.00 14.19 2.72
C THR D 70 6.61 12.89 3.17
N TYR D 71 7.77 12.99 3.82
CA TYR D 71 8.40 11.88 4.50
C TYR D 71 8.41 12.16 6.00
N HIS D 72 8.52 11.10 6.79
CA HIS D 72 8.96 11.24 8.20
C HIS D 72 10.04 10.20 8.46
N GLU D 73 10.89 10.47 9.44
CA GLU D 73 12.04 9.61 9.68
C GLU D 73 11.64 8.15 9.90
N ARG D 74 10.50 7.96 10.56
CA ARG D 74 9.97 6.63 10.81
C ARG D 74 8.50 6.51 10.35
N ILE D 75 8.16 7.28 9.32
CA ILE D 75 6.87 7.24 8.61
C ILE D 75 5.72 7.80 9.44
N THR D 76 5.36 7.07 10.50
CA THR D 76 4.29 7.45 11.40
C THR D 76 4.79 8.13 12.68
N ARG D 77 6.11 8.31 12.79
CA ARG D 77 6.70 9.14 13.82
C ARG D 77 8.03 9.71 13.28
N GLY D 78 8.60 10.65 14.01
CA GLY D 78 9.88 11.23 13.65
C GLY D 78 9.71 12.49 12.83
N LYS D 79 10.86 13.10 12.49
CA LYS D 79 10.85 14.42 11.88
C LYS D 79 10.25 14.39 10.47
N ARG D 80 9.47 15.42 10.18
CA ARG D 80 8.79 15.61 8.89
C ARG D 80 9.71 16.29 7.91
N SER D 81 9.74 15.77 6.68
CA SER D 81 10.37 16.46 5.55
C SER D 81 9.38 16.56 4.39
N ASP D 82 8.90 17.78 4.11
CA ASP D 82 8.13 18.05 2.89
C ASP D 82 9.12 18.43 1.81
N VAL D 83 8.95 17.87 0.61
CA VAL D 83 9.91 18.09 -0.47
C VAL D 83 9.23 18.21 -1.82
N VAL D 84 9.94 18.88 -2.71
CA VAL D 84 9.79 18.66 -4.14
C VAL D 84 10.94 17.81 -4.60
N GLU D 85 10.67 16.81 -5.44
CA GLU D 85 11.73 16.03 -6.06
C GLU D 85 11.75 16.23 -7.57
N VAL D 86 12.96 16.29 -8.11
CA VAL D 86 13.15 16.37 -9.56
C VAL D 86 13.63 15.01 -10.01
N TRP D 87 12.89 14.44 -10.96
CA TRP D 87 13.17 13.13 -11.54
C TRP D 87 13.42 13.28 -13.05
N ASP D 88 14.34 12.50 -13.57
CA ASP D 88 14.50 12.48 -15.03
C ASP D 88 13.32 11.80 -15.67
N ALA D 89 12.72 12.44 -16.67
CA ALA D 89 11.57 11.88 -17.33
C ALA D 89 11.85 10.60 -18.09
N ASP D 90 12.99 10.52 -18.78
CA ASP D 90 13.23 9.35 -19.61
C ASP D 90 13.80 8.16 -18.84
N LYS D 91 14.63 8.40 -17.81
CA LYS D 91 15.17 7.32 -16.99
C LYS D 91 14.30 7.00 -15.77
N LEU D 92 13.36 7.87 -15.45
CA LEU D 92 12.51 7.73 -14.23
C LEU D 92 13.38 7.46 -12.99
N THR D 93 14.42 8.29 -12.85
CA THR D 93 15.33 8.25 -11.73
C THR D 93 15.32 9.58 -10.96
N PHE D 94 15.54 9.47 -9.66
CA PHE D 94 15.63 10.60 -8.76
C PHE D 94 16.92 11.39 -9.01
N GLU D 95 16.80 12.72 -9.09
CA GLU D 95 17.95 13.60 -9.27
C GLU D 95 18.20 14.55 -8.11
N LYS D 96 17.17 15.20 -7.61
CA LYS D 96 17.35 16.29 -6.63
C LYS D 96 16.13 16.39 -5.70
N GLU D 97 16.40 16.66 -4.43
CA GLU D 97 15.39 17.00 -3.45
C GLU D 97 15.50 18.47 -3.12
N ILE D 98 14.35 19.15 -3.13
CA ILE D 98 14.26 20.55 -2.75
C ILE D 98 13.41 20.61 -1.47
N SER D 99 14.00 21.13 -0.40
CA SER D 99 13.34 21.18 0.88
C SER D 99 12.26 22.26 0.91
N LEU D 100 11.09 21.90 1.45
CA LEU D 100 9.98 22.82 1.65
C LEU D 100 9.74 22.99 3.15
N PRO D 101 9.08 24.09 3.55
CA PRO D 101 8.62 24.15 4.93
C PRO D 101 7.55 23.09 5.15
N PRO D 102 7.40 22.59 6.38
CA PRO D 102 6.55 21.42 6.65
C PRO D 102 5.07 21.77 6.68
N LYS D 103 4.58 22.30 5.56
CA LYS D 103 3.20 22.72 5.42
C LYS D 103 2.68 22.60 3.97
N ARG D 104 3.34 21.80 3.13
CA ARG D 104 2.79 21.62 1.78
C ARG D 104 1.41 20.98 1.88
N VAL D 105 0.52 21.32 0.95
CA VAL D 105 -0.84 20.82 1.05
C VAL D 105 -0.87 19.31 0.94
N GLN D 106 -1.54 18.69 1.90
CA GLN D 106 -1.88 17.27 1.87
C GLN D 106 -3.36 17.17 1.54
N GLY D 107 -3.65 16.58 0.37
CA GLY D 107 -5.01 16.54 -0.13
C GLY D 107 -5.09 15.90 -1.48
N LEU D 108 -6.32 15.77 -1.95
CA LEU D 108 -6.56 15.15 -3.23
C LEU D 108 -5.93 15.95 -4.35
N ASN D 109 -5.68 15.29 -5.46
CA ASN D 109 -4.81 15.78 -6.52
C ASN D 109 -5.50 16.66 -7.56
N TYR D 110 -6.02 17.79 -7.10
CA TYR D 110 -6.41 18.86 -8.02
C TYR D 110 -5.17 19.42 -8.70
N ASP D 111 -5.25 19.71 -10.00
CA ASP D 111 -4.11 20.28 -10.72
C ASP D 111 -3.54 21.52 -9.99
N GLY D 112 -4.43 22.39 -9.52
CA GLY D 112 -4.03 23.71 -9.04
C GLY D 112 -3.27 23.71 -7.72
N LEU D 113 -3.05 22.55 -7.13
CA LEU D 113 -2.28 22.48 -5.88
C LEU D 113 -0.76 22.43 -6.13
N PHE D 114 -0.34 22.18 -7.36
CA PHE D 114 1.07 21.93 -7.66
C PHE D 114 1.26 22.23 -9.13
N ARG D 115 1.72 23.45 -9.43
CA ARG D 115 1.78 23.98 -10.78
C ARG D 115 3.16 24.63 -11.00
N GLN D 116 3.31 25.30 -12.16
CA GLN D 116 4.56 26.00 -12.46
C GLN D 116 4.23 27.24 -13.28
N THR D 117 5.14 28.21 -13.24
CA THR D 117 4.96 29.40 -14.06
C THR D 117 5.11 29.01 -15.54
N THR D 118 4.56 29.84 -16.41
CA THR D 118 4.60 29.57 -17.84
C THR D 118 6.03 29.40 -18.33
N ASP D 119 6.96 30.19 -17.81
CA ASP D 119 8.33 30.10 -18.26
C ASP D 119 9.11 28.91 -17.68
N GLY D 120 8.44 28.14 -16.83
CA GLY D 120 9.03 26.94 -16.23
C GLY D 120 10.07 27.17 -15.15
N LYS D 121 10.28 28.44 -14.76
CA LYS D 121 11.39 28.75 -13.88
C LYS D 121 11.04 28.57 -12.39
N PHE D 122 9.74 28.61 -12.10
CA PHE D 122 9.26 28.48 -10.72
C PHE D 122 8.16 27.44 -10.62
N ILE D 123 8.29 26.60 -9.60
CA ILE D 123 7.20 25.73 -9.17
C ILE D 123 6.39 26.50 -8.15
N VAL D 124 5.09 26.41 -8.30
CA VAL D 124 4.15 27.20 -7.51
C VAL D 124 3.17 26.24 -6.90
N LEU D 125 3.15 26.17 -5.57
CA LEU D 125 2.44 25.11 -4.85
C LEU D 125 1.60 25.69 -3.72
N GLN D 126 0.54 24.99 -3.33
CA GLN D 126 -0.30 25.41 -2.22
C GLN D 126 0.20 24.88 -0.86
N ASN D 127 0.33 25.78 0.12
CA ASN D 127 0.63 25.45 1.49
C ASN D 127 -0.61 25.55 2.35
N ALA D 128 -0.64 24.75 3.42
CA ALA D 128 -1.71 24.85 4.42
C ALA D 128 -1.19 24.35 5.74
N SER D 129 -1.19 25.21 6.76
CA SER D 129 -0.60 24.90 8.04
C SER D 129 -1.50 24.78 9.29
N PRO D 130 -2.82 25.04 9.20
CA PRO D 130 -3.78 25.20 8.10
C PRO D 130 -3.88 26.60 7.48
N ALA D 131 -3.17 27.59 8.02
CA ALA D 131 -3.14 28.88 7.35
C ALA D 131 -2.62 28.67 5.96
N THR D 132 -3.23 29.33 4.98
CA THR D 132 -2.84 29.12 3.59
C THR D 132 -1.90 30.20 3.09
N SER D 133 -0.97 29.76 2.26
CA SER D 133 -0.08 30.63 1.53
C SER D 133 0.34 29.84 0.29
N ILE D 134 0.96 30.51 -0.67
CA ILE D 134 1.49 29.85 -1.85
C ILE D 134 3.00 29.78 -1.74
N GLY D 135 3.58 28.62 -2.00
CA GLY D 135 4.99 28.42 -1.93
C GLY D 135 5.61 28.52 -3.32
N ILE D 136 6.79 29.12 -3.38
CA ILE D 136 7.51 29.31 -4.62
C ILE D 136 8.84 28.61 -4.52
N VAL D 137 9.10 27.72 -5.49
CA VAL D 137 10.35 27.03 -5.63
C VAL D 137 11.10 27.48 -6.88
N ASP D 138 12.35 27.87 -6.68
CA ASP D 138 13.23 28.28 -7.78
C ASP D 138 13.91 27.03 -8.31
N VAL D 139 13.52 26.65 -9.52
CA VAL D 139 13.97 25.38 -10.11
C VAL D 139 15.48 25.44 -10.43
N ALA D 140 15.95 26.55 -10.99
CA ALA D 140 17.35 26.72 -11.30
C ALA D 140 18.23 26.57 -10.05
N LYS D 141 17.83 27.21 -8.96
CA LYS D 141 18.61 27.20 -7.72
C LYS D 141 18.40 25.94 -6.87
N GLY D 142 17.27 25.24 -7.07
CA GLY D 142 16.92 24.11 -6.22
C GLY D 142 16.56 24.54 -4.83
N ASP D 143 15.92 25.70 -4.74
CA ASP D 143 15.64 26.37 -3.45
C ASP D 143 14.18 26.71 -3.28
N TYR D 144 13.74 26.77 -2.03
CA TYR D 144 12.48 27.42 -1.70
C TYR D 144 12.74 28.91 -1.57
N VAL D 145 11.90 29.70 -2.19
CA VAL D 145 12.08 31.16 -2.13
C VAL D 145 11.42 31.65 -0.84
N GLU D 146 10.15 31.96 -0.87
CA GLU D 146 9.41 32.34 0.36
C GLU D 146 7.91 32.22 0.12
N ASP D 147 7.15 32.24 1.20
CA ASP D 147 5.71 32.17 1.15
C ASP D 147 5.14 33.40 0.51
N VAL D 148 4.11 33.21 -0.29
CA VAL D 148 3.29 34.29 -0.76
C VAL D 148 2.14 34.41 0.25
N THR D 149 2.37 35.21 1.27
CA THR D 149 1.43 35.38 2.35
C THR D 149 0.21 36.20 1.92
N ALA D 150 0.33 36.93 0.83
CA ALA D 150 -0.80 37.69 0.32
C ALA D 150 -1.97 36.79 -0.04
N ALA D 151 -1.70 35.50 -0.28
CA ALA D 151 -2.73 34.55 -0.70
C ALA D 151 -3.46 33.89 0.48
N ALA D 152 -3.22 34.37 1.70
CA ALA D 152 -3.96 33.85 2.83
C ALA D 152 -5.45 33.95 2.58
N GLY D 153 -6.19 32.89 2.91
CA GLY D 153 -7.62 32.85 2.69
C GLY D 153 -8.02 32.53 1.26
N CYS D 154 -7.03 32.20 0.44
CA CYS D 154 -7.28 31.82 -0.96
C CYS D 154 -6.86 30.37 -1.15
N TRP D 155 -7.11 29.84 -2.34
CA TRP D 155 -6.83 28.42 -2.60
C TRP D 155 -6.57 28.15 -4.08
N SER D 156 -5.47 27.44 -4.33
CA SER D 156 -5.10 26.87 -5.62
C SER D 156 -4.46 27.87 -6.56
N VAL D 157 -3.75 27.36 -7.55
CA VAL D 157 -2.88 28.14 -8.40
C VAL D 157 -3.33 27.96 -9.84
N ILE D 158 -3.66 29.08 -10.50
CA ILE D 158 -4.02 29.10 -11.92
C ILE D 158 -2.99 29.94 -12.65
N PRO D 159 -2.05 29.31 -13.33
CA PRO D 159 -1.05 30.08 -14.07
C PRO D 159 -1.66 30.88 -15.21
N GLN D 160 -1.08 32.05 -15.49
CA GLN D 160 -1.49 32.85 -16.65
C GLN D 160 -0.58 32.49 -17.82
N PRO D 161 -1.15 31.75 -18.82
CA PRO D 161 -0.32 31.30 -19.93
C PRO D 161 0.21 32.39 -20.88
N ASN D 162 -0.26 33.63 -20.70
CA ASN D 162 0.22 34.75 -21.53
C ASN D 162 1.33 35.58 -20.88
N ARG D 163 1.79 35.16 -19.69
CA ARG D 163 2.85 35.85 -18.96
C ARG D 163 3.83 34.84 -18.39
N PRO D 164 5.10 35.22 -18.27
CA PRO D 164 6.16 34.27 -17.90
C PRO D 164 6.11 33.77 -16.44
N ARG D 165 5.72 34.63 -15.52
CA ARG D 165 5.77 34.25 -14.10
C ARG D 165 4.67 34.93 -13.30
N SER D 166 3.44 34.77 -13.79
CA SER D 166 2.25 35.25 -13.13
C SER D 166 1.25 34.12 -12.95
N PHE D 167 0.49 34.19 -11.88
CA PHE D 167 -0.56 33.22 -11.62
C PHE D 167 -1.65 33.87 -10.79
N MET D 168 -2.80 33.21 -10.75
CA MET D 168 -3.92 33.66 -9.96
C MET D 168 -4.32 32.61 -8.93
N THR D 169 -5.05 33.05 -7.93
CA THR D 169 -5.66 32.17 -6.94
C THR D 169 -7.08 32.65 -6.58
N ILE D 170 -7.92 31.72 -6.16
CA ILE D 170 -9.34 31.98 -5.85
C ILE D 170 -9.44 32.25 -4.37
N CYS D 171 -10.04 33.38 -4.01
CA CYS D 171 -10.08 33.80 -2.64
C CYS D 171 -11.47 33.74 -2.02
N GLY D 172 -11.50 33.74 -0.69
CA GLY D 172 -12.73 33.58 0.07
C GLY D 172 -13.74 34.70 -0.14
N ASP D 173 -13.30 35.79 -0.75
CA ASP D 173 -14.18 36.90 -1.08
C ASP D 173 -14.87 36.74 -2.43
N GLY D 174 -14.64 35.61 -3.10
CA GLY D 174 -15.28 35.34 -4.39
C GLY D 174 -14.59 36.01 -5.55
N GLY D 175 -13.42 36.60 -5.28
CA GLY D 175 -12.59 37.17 -6.30
C GLY D 175 -11.29 36.42 -6.51
N LEU D 176 -10.48 36.93 -7.43
CA LEU D 176 -9.20 36.35 -7.78
C LEU D 176 -8.08 37.31 -7.40
N LEU D 177 -7.03 36.74 -6.82
CA LEU D 177 -5.78 37.45 -6.55
C LEU D 177 -4.77 37.04 -7.60
N THR D 178 -4.14 38.03 -8.24
CA THR D 178 -3.11 37.81 -9.20
C THR D 178 -1.75 38.18 -8.58
N ILE D 179 -0.78 37.30 -8.75
CA ILE D 179 0.56 37.48 -8.25
C ILE D 179 1.49 37.49 -9.42
N ASN D 180 2.34 38.51 -9.50
CA ASN D 180 3.39 38.59 -10.50
C ASN D 180 4.75 38.50 -9.83
N LEU D 181 5.51 37.46 -10.16
CA LEU D 181 6.81 37.24 -9.52
C LEU D 181 7.90 38.02 -10.23
N GLY D 182 8.92 38.43 -9.48
CA GLY D 182 10.15 38.93 -10.09
C GLY D 182 11.05 37.79 -10.48
N GLU D 183 12.19 38.12 -11.07
CA GLU D 183 13.12 37.12 -11.55
C GLU D 183 13.71 36.25 -10.43
N ASP D 184 13.59 36.70 -9.19
CA ASP D 184 14.06 35.95 -8.02
C ASP D 184 12.97 35.10 -7.36
N GLY D 185 11.76 35.13 -7.92
CA GLY D 185 10.67 34.35 -7.37
C GLY D 185 9.91 34.98 -6.22
N LYS D 186 10.30 36.21 -5.83
CA LYS D 186 9.53 36.95 -4.85
C LYS D 186 8.41 37.73 -5.52
N VAL D 187 7.40 38.11 -4.76
CA VAL D 187 6.30 38.88 -5.32
C VAL D 187 6.79 40.27 -5.75
N ALA D 188 6.62 40.58 -7.03
CA ALA D 188 6.98 41.91 -7.59
C ALA D 188 5.78 42.83 -7.58
N SER D 189 4.62 42.30 -7.92
CA SER D 189 3.38 43.04 -7.79
C SER D 189 2.21 42.09 -7.67
N GLN D 190 1.05 42.65 -7.34
CA GLN D 190 -0.17 41.87 -7.19
C GLN D 190 -1.38 42.73 -7.47
N SER D 191 -2.50 42.08 -7.76
CA SER D 191 -3.77 42.77 -7.90
C SER D 191 -4.93 41.85 -7.53
N ARG D 192 -6.05 42.45 -7.18
CA ARG D 192 -7.25 41.73 -6.74
C ARG D 192 -8.45 42.16 -7.58
N SER D 193 -9.15 41.18 -8.17
CA SER D 193 -10.29 41.45 -9.03
C SER D 193 -11.48 41.88 -8.19
N LYS D 194 -12.53 42.35 -8.85
CA LYS D 194 -13.83 42.49 -8.20
C LYS D 194 -14.38 41.09 -7.92
N GLN D 195 -15.43 41.00 -7.12
CA GLN D 195 -16.08 39.72 -6.85
C GLN D 195 -16.55 39.09 -8.15
N MET D 196 -16.14 37.85 -8.41
CA MET D 196 -16.55 37.11 -9.60
C MET D 196 -17.82 36.31 -9.34
N PHE D 197 -17.86 35.64 -8.19
CA PHE D 197 -18.98 34.77 -7.83
C PHE D 197 -19.36 34.95 -6.36
N SER D 198 -20.64 34.69 -6.04
CA SER D 198 -21.09 34.64 -4.66
C SER D 198 -20.65 33.33 -4.03
N VAL D 199 -19.83 33.44 -3.01
CA VAL D 199 -19.34 32.26 -2.32
C VAL D 199 -20.51 31.50 -1.71
N LYS D 200 -21.45 32.22 -1.11
CA LYS D 200 -22.58 31.57 -0.45
C LYS D 200 -23.59 31.00 -1.44
N ASP D 201 -23.92 31.76 -2.49
CA ASP D 201 -25.06 31.39 -3.34
C ASP D 201 -24.71 30.65 -4.60
N ASP D 202 -23.46 30.75 -5.06
CA ASP D 202 -23.06 30.06 -6.29
C ASP D 202 -21.59 29.70 -6.29
N PRO D 203 -21.20 28.85 -5.33
CA PRO D 203 -19.77 28.50 -5.27
C PRO D 203 -19.30 27.83 -6.53
N ILE D 204 -18.09 28.18 -6.97
CA ILE D 204 -17.49 27.55 -8.12
C ILE D 204 -16.56 26.39 -7.72
N PHE D 205 -16.41 25.45 -8.66
CA PHE D 205 -15.36 24.44 -8.59
C PHE D 205 -14.05 25.14 -8.87
N ILE D 206 -12.98 24.69 -8.23
CA ILE D 206 -11.70 25.38 -8.39
C ILE D 206 -11.02 25.10 -9.74
N ALA D 207 -11.39 24.00 -10.38
CA ALA D 207 -10.71 23.60 -11.60
C ALA D 207 -10.99 24.57 -12.76
N PRO D 208 -9.94 25.20 -13.30
CA PRO D 208 -10.19 26.10 -14.42
C PRO D 208 -10.33 25.39 -15.75
N ALA D 209 -11.15 25.97 -16.63
CA ALA D 209 -11.06 25.68 -18.05
C ALA D 209 -10.21 26.81 -18.60
N LEU D 210 -8.92 26.55 -18.81
CA LEU D 210 -7.89 27.58 -18.94
C LEU D 210 -7.55 27.85 -20.39
N ASP D 211 -7.71 29.10 -20.79
CA ASP D 211 -7.29 29.57 -22.10
C ASP D 211 -5.99 30.34 -21.96
N LYS D 212 -5.45 30.85 -23.07
CA LYS D 212 -4.19 31.56 -23.01
C LYS D 212 -4.29 32.88 -22.24
N ASP D 213 -5.45 33.53 -22.33
CA ASP D 213 -5.62 34.86 -21.73
C ASP D 213 -6.91 35.00 -20.93
N LYS D 214 -7.61 33.88 -20.71
CA LYS D 214 -8.77 33.87 -19.83
C LYS D 214 -8.98 32.48 -19.25
N ALA D 215 -9.80 32.41 -18.21
CA ALA D 215 -10.17 31.14 -17.57
C ALA D 215 -11.67 31.15 -17.30
N HIS D 216 -12.30 30.00 -17.46
CA HIS D 216 -13.68 29.81 -17.11
C HIS D 216 -13.79 28.82 -15.96
N PHE D 217 -14.80 29.00 -15.13
CA PHE D 217 -15.08 28.17 -13.96
C PHE D 217 -16.55 27.81 -13.98
N VAL D 218 -16.88 26.59 -13.59
CA VAL D 218 -18.26 26.20 -13.41
C VAL D 218 -18.65 26.14 -11.95
N SER D 219 -19.93 26.31 -11.70
CA SER D 219 -20.44 26.39 -10.36
C SER D 219 -21.22 25.14 -9.93
N TYR D 220 -21.48 25.04 -8.63
CA TYR D 220 -22.24 23.93 -8.08
C TYR D 220 -23.61 23.80 -8.71
N TYR D 221 -24.16 24.93 -9.20
CA TYR D 221 -25.50 24.95 -9.79
C TYR D 221 -25.51 25.05 -11.31
N GLY D 222 -24.35 24.88 -11.93
CA GLY D 222 -24.26 24.78 -13.37
C GLY D 222 -24.12 26.10 -14.11
N ASN D 223 -23.62 27.13 -13.41
CA ASN D 223 -23.29 28.38 -14.04
C ASN D 223 -21.83 28.45 -14.44
N VAL D 224 -21.53 29.37 -15.33
CA VAL D 224 -20.17 29.58 -15.81
C VAL D 224 -19.73 31.00 -15.49
N TYR D 225 -18.53 31.11 -14.92
CA TYR D 225 -17.90 32.42 -14.66
C TYR D 225 -16.61 32.52 -15.42
N SER D 226 -16.25 33.73 -15.82
CA SER D 226 -15.02 33.94 -16.58
C SER D 226 -14.13 35.02 -15.99
N ALA D 227 -12.83 34.82 -16.13
CA ALA D 227 -11.82 35.79 -15.74
C ALA D 227 -10.94 36.05 -16.93
N ASP D 228 -10.91 37.29 -17.39
CA ASP D 228 -10.13 37.66 -18.55
C ASP D 228 -8.87 38.38 -18.08
N PHE D 229 -7.70 37.82 -18.35
CA PHE D 229 -6.43 38.42 -17.91
C PHE D 229 -5.55 38.80 -19.10
N SER D 230 -6.21 39.22 -20.20
CA SER D 230 -5.49 39.74 -21.36
C SER D 230 -4.91 41.13 -21.08
N GLY D 231 -5.56 41.88 -20.21
CA GLY D 231 -5.20 43.26 -19.97
C GLY D 231 -4.42 43.41 -18.68
N ASP D 232 -4.24 44.65 -18.25
CA ASP D 232 -3.41 44.95 -17.11
C ASP D 232 -3.93 44.27 -15.86
N GLU D 233 -5.25 44.33 -15.66
CA GLU D 233 -5.90 43.75 -14.50
C GLU D 233 -7.00 42.78 -14.94
N VAL D 234 -7.37 41.87 -14.04
CA VAL D 234 -8.32 40.82 -14.37
C VAL D 234 -9.75 41.35 -14.38
N LYS D 235 -10.48 41.07 -15.46
CA LYS D 235 -11.88 41.44 -15.57
C LYS D 235 -12.75 40.19 -15.43
N VAL D 236 -13.73 40.25 -14.55
CA VAL D 236 -14.53 39.07 -14.24
C VAL D 236 -15.99 39.25 -14.64
N ASP D 237 -16.63 38.15 -15.01
CA ASP D 237 -18.02 38.18 -15.42
C ASP D 237 -18.68 36.83 -15.23
N GLY D 238 -20.00 36.80 -15.43
CA GLY D 238 -20.83 35.65 -15.16
C GLY D 238 -21.86 35.98 -14.10
N PRO D 239 -22.86 35.11 -13.91
CA PRO D 239 -22.95 33.80 -14.55
C PRO D 239 -23.58 33.77 -15.94
N TRP D 240 -23.23 32.77 -16.75
CA TRP D 240 -24.14 32.24 -17.76
C TRP D 240 -24.37 30.76 -17.49
N SER D 241 -25.57 30.29 -17.78
CA SER D 241 -25.96 28.92 -17.43
C SER D 241 -25.53 27.91 -18.48
N LEU D 242 -25.07 26.74 -18.01
CA LEU D 242 -24.82 25.61 -18.89
C LEU D 242 -26.11 24.96 -19.36
N LEU D 243 -27.23 25.34 -18.73
CA LEU D 243 -28.46 24.56 -18.75
C LEU D 243 -29.56 25.23 -19.57
N ASN D 244 -30.27 24.42 -20.36
CA ASN D 244 -31.54 24.84 -20.97
C ASN D 244 -32.70 24.45 -20.04
N ASP D 245 -33.96 24.74 -20.42
CA ASP D 245 -35.09 24.46 -19.52
C ASP D 245 -35.21 22.98 -19.21
N GLU D 246 -34.98 22.14 -20.23
CA GLU D 246 -35.09 20.70 -20.09
C GLU D 246 -34.03 20.20 -19.10
N ASP D 247 -32.83 20.71 -19.27
CA ASP D 247 -31.72 20.43 -18.35
C ASP D 247 -32.09 20.81 -16.92
N LYS D 248 -32.60 22.03 -16.74
CA LYS D 248 -33.00 22.50 -15.43
C LYS D 248 -34.10 21.64 -14.82
N ALA D 249 -35.06 21.22 -15.67
CA ALA D 249 -36.17 20.40 -15.19
C ALA D 249 -35.70 19.06 -14.61
N LYS D 250 -34.60 18.54 -15.15
CA LYS D 250 -34.01 17.30 -14.64
C LYS D 250 -32.84 17.53 -13.67
N ASN D 251 -32.63 18.79 -13.26
CA ASN D 251 -31.64 19.14 -12.22
C ASN D 251 -30.22 18.71 -12.56
N TRP D 252 -29.85 18.86 -13.82
CA TRP D 252 -28.45 18.63 -14.24
C TRP D 252 -27.52 19.67 -13.61
N VAL D 253 -26.41 19.18 -13.06
CA VAL D 253 -25.37 20.05 -12.49
C VAL D 253 -24.02 19.39 -12.71
N PRO D 254 -22.92 20.15 -12.61
CA PRO D 254 -21.59 19.57 -12.73
C PRO D 254 -21.23 18.72 -11.53
N GLY D 255 -20.31 17.79 -11.73
CA GLY D 255 -19.76 17.05 -10.62
C GLY D 255 -18.46 16.40 -11.01
N GLY D 256 -17.53 16.33 -10.04
CA GLY D 256 -16.23 15.73 -10.24
C GLY D 256 -15.17 16.50 -9.47
N TYR D 257 -13.93 16.27 -9.86
CA TYR D 257 -12.77 16.85 -9.20
C TYR D 257 -12.03 17.75 -10.21
N ASN D 258 -11.17 17.19 -11.04
CA ASN D 258 -10.59 17.96 -12.17
C ASN D 258 -11.59 17.87 -13.32
N LEU D 259 -12.69 18.59 -13.18
CA LEU D 259 -13.94 18.22 -13.88
C LEU D 259 -14.20 18.98 -15.18
N VAL D 260 -13.32 19.91 -15.53
CA VAL D 260 -13.45 20.69 -16.77
C VAL D 260 -12.18 20.75 -17.56
N GLY D 261 -12.32 21.15 -18.82
CA GLY D 261 -11.21 21.33 -19.69
C GLY D 261 -11.59 22.27 -20.83
N LEU D 262 -10.58 22.86 -21.45
CA LEU D 262 -10.82 23.76 -22.57
C LEU D 262 -9.94 23.35 -23.71
N HIS D 263 -10.54 23.22 -24.88
CA HIS D 263 -9.82 23.07 -26.10
C HIS D 263 -9.66 24.48 -26.67
N ARG D 264 -8.44 24.99 -26.59
CA ARG D 264 -8.22 26.43 -26.77
C ARG D 264 -8.48 26.87 -28.20
N ALA D 265 -8.09 26.06 -29.17
CA ALA D 265 -8.24 26.47 -30.57
C ALA D 265 -9.70 26.66 -30.99
N SER D 266 -10.60 25.85 -30.46
CA SER D 266 -12.02 25.90 -30.82
C SER D 266 -12.88 26.68 -29.81
N GLY D 267 -12.38 26.88 -28.60
CA GLY D 267 -13.17 27.43 -27.53
C GLY D 267 -14.18 26.47 -26.91
N ARG D 268 -14.04 25.19 -27.22
CA ARG D 268 -14.91 24.19 -26.62
C ARG D 268 -14.52 23.89 -25.16
N MET D 269 -15.49 23.95 -24.28
CA MET D 269 -15.29 23.61 -22.86
C MET D 269 -15.99 22.28 -22.56
N TYR D 270 -15.26 21.40 -21.86
CA TYR D 270 -15.72 20.06 -21.53
C TYR D 270 -16.03 20.02 -20.05
N VAL D 271 -17.17 19.44 -19.69
CA VAL D 271 -17.63 19.43 -18.30
C VAL D 271 -18.35 18.14 -17.98
N PHE D 272 -18.02 17.55 -16.84
CA PHE D 272 -18.76 16.41 -16.35
C PHE D 272 -20.05 16.85 -15.66
N MET D 273 -21.15 16.17 -15.99
CA MET D 273 -22.47 16.52 -15.54
C MET D 273 -23.26 15.30 -15.08
N HIS D 274 -24.18 15.51 -14.15
CA HIS D 274 -25.08 14.45 -13.74
C HIS D 274 -26.47 15.04 -13.44
N PRO D 275 -27.52 14.23 -13.59
CA PRO D 275 -28.88 14.67 -13.29
C PRO D 275 -29.21 14.62 -11.80
N ASP D 276 -30.39 15.09 -11.41
CA ASP D 276 -30.88 14.97 -10.04
C ASP D 276 -29.90 15.56 -9.04
N GLY D 277 -29.36 16.71 -9.39
CA GLY D 277 -28.48 17.47 -8.53
C GLY D 277 -29.18 18.00 -7.32
N LYS D 278 -28.46 18.07 -6.22
CA LYS D 278 -28.95 18.65 -4.99
C LYS D 278 -27.73 18.81 -4.09
N GLU D 279 -27.93 19.40 -2.92
CA GLU D 279 -26.83 19.59 -1.98
C GLU D 279 -26.15 18.26 -1.72
N GLY D 280 -24.84 18.20 -1.96
CA GLY D 280 -24.06 17.01 -1.67
C GLY D 280 -23.65 16.18 -2.87
N THR D 281 -24.02 16.59 -4.08
CA THR D 281 -23.75 15.81 -5.30
C THR D 281 -22.62 16.36 -6.15
N HIS D 282 -21.85 17.34 -5.64
CA HIS D 282 -20.88 18.02 -6.46
C HIS D 282 -19.63 17.22 -6.82
N LYS D 283 -19.42 16.07 -6.16
CA LYS D 283 -18.32 15.18 -6.54
C LYS D 283 -18.82 13.85 -7.12
N PHE D 284 -20.08 13.83 -7.55
CA PHE D 284 -20.63 12.61 -8.16
C PHE D 284 -19.95 12.34 -9.50
N PRO D 285 -19.78 11.06 -9.84
CA PRO D 285 -19.30 10.72 -11.16
C PRO D 285 -20.19 11.25 -12.31
N ALA D 286 -19.58 11.43 -13.46
CA ALA D 286 -20.25 11.97 -14.66
C ALA D 286 -21.24 10.96 -15.20
N ALA D 287 -22.50 11.36 -15.32
CA ALA D 287 -23.46 10.63 -16.15
C ALA D 287 -23.16 10.93 -17.61
N GLU D 288 -22.74 12.17 -17.86
CA GLU D 288 -22.39 12.61 -19.20
C GLU D 288 -21.24 13.59 -19.19
N ILE D 289 -20.61 13.71 -20.36
CA ILE D 289 -19.72 14.83 -20.63
C ILE D 289 -20.45 15.77 -21.58
N TRP D 290 -20.55 17.04 -21.19
CA TRP D 290 -21.12 18.06 -22.07
C TRP D 290 -20.00 18.88 -22.71
N VAL D 291 -20.19 19.25 -23.96
CA VAL D 291 -19.24 20.03 -24.71
C VAL D 291 -19.92 21.36 -25.04
N MET D 292 -19.36 22.46 -24.54
CA MET D 292 -19.96 23.79 -24.68
C MET D 292 -19.10 24.65 -25.58
N ASP D 293 -19.73 25.39 -26.49
CA ASP D 293 -19.04 26.43 -27.22
C ASP D 293 -19.06 27.69 -26.33
N THR D 294 -17.87 28.12 -25.89
CA THR D 294 -17.79 29.23 -24.94
C THR D 294 -18.02 30.60 -25.60
N LYS D 295 -17.99 30.64 -26.93
CA LYS D 295 -18.30 31.87 -27.66
C LYS D 295 -19.82 32.03 -27.80
N THR D 296 -20.50 30.98 -28.26
CA THR D 296 -21.96 31.02 -28.43
C THR D 296 -22.73 30.71 -27.14
N LYS D 297 -22.03 30.15 -26.15
CA LYS D 297 -22.64 29.78 -24.88
C LYS D 297 -23.75 28.73 -25.05
N GLN D 298 -23.56 27.85 -26.04
CA GLN D 298 -24.48 26.76 -26.33
C GLN D 298 -23.77 25.42 -26.15
N ARG D 299 -24.51 24.41 -25.73
CA ARG D 299 -24.03 23.02 -25.76
C ARG D 299 -24.00 22.51 -27.19
N VAL D 300 -22.86 21.96 -27.60
CA VAL D 300 -22.69 21.41 -28.95
C VAL D 300 -22.63 19.87 -28.99
N ALA D 301 -22.45 19.23 -27.84
CA ALA D 301 -22.47 17.76 -27.75
C ALA D 301 -22.70 17.29 -26.32
N ARG D 302 -23.22 16.08 -26.20
CA ARG D 302 -23.33 15.39 -24.93
C ARG D 302 -23.13 13.92 -25.19
N ILE D 303 -22.29 13.28 -24.37
CA ILE D 303 -21.95 11.86 -24.53
C ILE D 303 -21.90 11.19 -23.17
N PRO D 304 -21.99 9.85 -23.15
CA PRO D 304 -21.91 9.13 -21.88
C PRO D 304 -20.63 9.47 -21.08
N GLY D 305 -20.81 9.60 -19.78
CA GLY D 305 -19.72 10.01 -18.88
C GLY D 305 -18.78 8.91 -18.43
N ARG D 306 -19.19 7.64 -18.54
CA ARG D 306 -18.38 6.49 -18.10
C ARG D 306 -17.95 6.67 -16.64
N ASP D 307 -18.81 7.28 -15.84
CA ASP D 307 -18.55 7.50 -14.42
C ASP D 307 -17.23 8.25 -14.15
N ALA D 308 -16.82 9.09 -15.10
CA ALA D 308 -15.56 9.82 -14.95
C ALA D 308 -15.67 10.91 -13.89
N LEU D 309 -14.52 11.19 -13.26
CA LEU D 309 -14.41 12.19 -12.20
C LEU D 309 -13.42 13.32 -12.55
N SER D 310 -12.39 12.99 -13.31
CA SER D 310 -11.34 13.92 -13.67
C SER D 310 -10.97 13.77 -15.15
N MET D 311 -10.43 14.84 -15.72
CA MET D 311 -10.03 14.84 -17.12
C MET D 311 -8.80 15.67 -17.31
N THR D 312 -8.26 15.62 -18.51
CA THR D 312 -7.24 16.56 -18.95
C THR D 312 -7.30 16.64 -20.47
N ILE D 313 -6.85 17.77 -21.00
CA ILE D 313 -6.90 18.06 -22.44
C ILE D 313 -5.50 18.23 -22.98
N ASP D 314 -5.24 17.67 -24.16
CA ASP D 314 -4.01 17.96 -24.87
C ASP D 314 -4.32 18.83 -26.08
N GLN D 315 -3.77 20.04 -26.09
CA GLN D 315 -4.04 20.99 -27.19
C GLN D 315 -3.29 20.61 -28.45
N GLN D 316 -2.14 19.95 -28.30
CA GLN D 316 -1.26 19.67 -29.43
C GLN D 316 -1.73 18.48 -30.27
N ARG D 317 -2.44 17.54 -29.66
CA ARG D 317 -2.98 16.36 -30.36
C ARG D 317 -4.51 16.33 -30.35
N ASN D 318 -5.16 17.33 -29.77
CA ASN D 318 -6.60 17.41 -29.77
C ASN D 318 -7.25 16.19 -29.13
N LEU D 319 -6.88 15.96 -27.88
CA LEU D 319 -7.32 14.78 -27.11
C LEU D 319 -7.87 15.19 -25.79
N MET D 320 -8.73 14.35 -25.25
CA MET D 320 -9.21 14.46 -23.88
C MET D 320 -9.05 13.10 -23.23
N LEU D 321 -8.47 13.08 -22.04
CA LEU D 321 -8.50 11.87 -21.21
C LEU D 321 -9.52 12.06 -20.12
N THR D 322 -10.24 11.00 -19.74
CA THR D 322 -11.04 11.00 -18.56
C THR D 322 -10.67 9.82 -17.68
N LEU D 323 -11.04 9.93 -16.41
CA LEU D 323 -10.53 9.03 -15.38
C LEU D 323 -11.60 8.85 -14.34
N ASP D 324 -11.96 7.60 -14.05
CA ASP D 324 -13.04 7.27 -13.12
C ASP D 324 -12.55 6.81 -11.73
N GLY D 325 -11.24 6.98 -11.50
CA GLY D 325 -10.58 6.51 -10.26
C GLY D 325 -9.62 5.39 -10.52
N GLY D 326 -9.92 4.59 -11.53
CA GLY D 326 -9.09 3.42 -11.86
C GLY D 326 -8.78 3.24 -13.34
N ASN D 327 -9.69 3.68 -14.21
CA ASN D 327 -9.57 3.46 -15.65
C ASN D 327 -9.48 4.79 -16.38
N VAL D 328 -8.67 4.83 -17.45
CA VAL D 328 -8.47 6.06 -18.24
C VAL D 328 -9.10 5.87 -19.62
N ASN D 329 -9.99 6.77 -19.99
CA ASN D 329 -10.62 6.78 -21.32
C ASN D 329 -9.90 7.80 -22.19
N VAL D 330 -9.59 7.42 -23.43
CA VAL D 330 -8.90 8.27 -24.38
C VAL D 330 -9.92 8.71 -25.45
N TYR D 331 -10.11 10.03 -25.60
CA TYR D 331 -11.03 10.60 -26.61
C TYR D 331 -10.31 11.49 -27.61
N ASP D 332 -10.74 11.39 -28.87
CA ASP D 332 -10.40 12.34 -29.93
C ASP D 332 -11.41 13.48 -29.87
N ILE D 333 -10.92 14.70 -29.65
CA ILE D 333 -11.81 15.88 -29.59
C ILE D 333 -11.52 16.89 -30.70
N SER D 334 -11.05 16.41 -31.83
CA SER D 334 -10.81 17.28 -33.00
C SER D 334 -12.10 17.75 -33.67
N GLN D 335 -13.22 17.10 -33.36
CA GLN D 335 -14.56 17.56 -33.77
C GLN D 335 -15.42 17.82 -32.53
N PRO D 336 -16.54 18.57 -32.68
CA PRO D 336 -17.39 18.87 -31.54
C PRO D 336 -17.84 17.64 -30.72
N GLU D 337 -18.22 16.55 -31.38
CA GLU D 337 -18.54 15.32 -30.66
C GLU D 337 -17.26 14.54 -30.37
N PRO D 338 -16.93 14.33 -29.09
CA PRO D 338 -15.77 13.50 -28.81
C PRO D 338 -15.98 12.07 -29.29
N LYS D 339 -14.89 11.42 -29.66
CA LYS D 339 -14.94 10.03 -30.12
C LYS D 339 -14.06 9.19 -29.19
N LEU D 340 -14.62 8.13 -28.64
CA LEU D 340 -13.88 7.27 -27.72
C LEU D 340 -12.98 6.35 -28.49
N LEU D 341 -11.69 6.37 -28.17
CA LEU D 341 -10.67 5.57 -28.86
C LEU D 341 -10.37 4.24 -28.15
N ARG D 342 -10.24 4.30 -26.83
CA ARG D 342 -9.95 3.12 -26.03
C ARG D 342 -10.09 3.46 -24.55
N THR D 343 -10.11 2.42 -23.73
CA THR D 343 -10.08 2.54 -22.26
C THR D 343 -8.90 1.74 -21.77
N ILE D 344 -8.12 2.34 -20.87
CA ILE D 344 -6.99 1.68 -20.22
C ILE D 344 -7.50 1.27 -18.86
N GLU D 345 -7.66 -0.03 -18.69
CA GLU D 345 -8.24 -0.56 -17.49
C GLU D 345 -7.18 -0.77 -16.41
N GLY D 346 -7.51 -0.41 -15.18
CA GLY D 346 -6.61 -0.70 -14.06
C GLY D 346 -5.34 0.13 -14.08
N ALA D 347 -5.44 1.36 -14.57
CA ALA D 347 -4.30 2.28 -14.55
C ALA D 347 -3.92 2.75 -13.15
N ALA D 348 -4.86 2.66 -12.22
CA ALA D 348 -4.63 3.08 -10.84
C ALA D 348 -5.65 2.42 -9.96
N GLU D 349 -5.35 2.41 -8.67
CA GLU D 349 -6.31 2.01 -7.66
C GLU D 349 -7.18 3.17 -7.18
N ALA D 350 -6.58 4.35 -7.05
CA ALA D 350 -7.34 5.51 -6.54
C ALA D 350 -6.71 6.79 -7.10
N SER D 351 -7.01 7.10 -8.35
CA SER D 351 -6.45 8.28 -8.97
C SER D 351 -7.53 9.27 -9.31
N LEU D 352 -7.30 10.54 -9.00
CA LEU D 352 -8.17 11.61 -9.44
C LEU D 352 -7.45 12.60 -10.36
N GLN D 353 -6.31 12.20 -10.90
CA GLN D 353 -5.55 13.08 -11.80
C GLN D 353 -4.73 12.32 -12.83
N VAL D 354 -4.95 12.66 -14.10
CA VAL D 354 -4.10 12.22 -15.18
C VAL D 354 -3.61 13.44 -15.99
N GLN D 355 -2.42 13.31 -16.53
CA GLN D 355 -1.78 14.40 -17.26
C GLN D 355 -0.99 13.82 -18.43
N PHE D 356 -0.99 14.54 -19.56
CA PHE D 356 -0.11 14.19 -20.67
C PHE D 356 1.34 14.59 -20.43
N HIS D 357 2.28 13.87 -21.00
CA HIS D 357 3.63 14.40 -21.18
C HIS D 357 3.56 15.55 -22.17
N PRO D 358 4.11 16.72 -21.83
CA PRO D 358 4.02 17.85 -22.73
C PRO D 358 4.73 17.62 -24.07
N VAL D 359 4.04 18.05 -25.12
CA VAL D 359 4.61 18.19 -26.43
C VAL D 359 4.49 19.67 -26.80
N GLY D 360 5.60 20.24 -27.21
CA GLY D 360 5.58 21.61 -27.70
C GLY D 360 5.03 22.56 -26.65
N GLY D 361 4.12 23.46 -27.03
CA GLY D 361 3.46 24.36 -26.09
C GLY D 361 4.13 25.71 -25.89
N THR D 362 5.22 25.98 -26.59
CA THR D 362 5.85 27.32 -26.55
C THR D 362 4.87 28.36 -27.03
#